data_5G1Z
#
_entry.id   5G1Z
#
_cell.length_a   57.400
_cell.length_b   118.900
_cell.length_c   175.300
_cell.angle_alpha   90.00
_cell.angle_beta   90.00
_cell.angle_gamma   90.00
#
_symmetry.space_group_name_H-M   'P 21 21 21'
#
loop_
_entity.id
_entity.type
_entity.pdbx_description
1 polymer 'GLYCYLPEPTIDE N-TETRADECANOYLTRANSFERASE'
2 non-polymer 2-oxopentadecyl-CoA
3 non-polymer 'ethyl 4-(2-cyanoethylsulfanyl)-6-methoxy-quinoline-3-carboxylate'
4 non-polymer 'DIMETHYL SULFOXIDE'
5 non-polymer 'MAGNESIUM ION'
6 non-polymer 'SULFATE ION'
7 non-polymer 'CHLORIDE ION'
8 water water
#
_entity_poly.entity_id   1
_entity_poly.type   'polypeptide(L)'
_entity_poly.pdbx_seq_one_letter_code
;IDYKFWYTQPVPKINDEFNESVNEPFISDNKVEDVRKDEYKLPPGYSWYVCDVKDEKDRSEIYTLLTDNYVEDDDNIFRF
NYSAEFLLWALTSPNYLKTWHIGVKYDASNKLIGFISAIPTDICIHKRTIKMAEVNFLCVHKTLRSKRLAPVLIKEITRR
INLENIWQAIYTAGVYLPKPVSDARYYHRSINVKKLIEIGFSSLNSRLTMSRAIKLYRVEDTLNIKNMRLMKKKDVEGVH
KLLGSYLEQFNLYAVFTKEEIAHWFLPIENVIYTYVNEENGKIKDMISFYSLPSQILGNDKYSTLNAAYSFYNVTTTATF
KQLMQDAILLAKRNNFDVFNALEVMQNKSVFEDLKFGEGDGSLKYYLYNWKCASFAPAHVGIVLL
;
_entity_poly.pdbx_strand_id   A,B,C
#
# COMPACT_ATOMS: atom_id res chain seq x y z
N ILE A 1 13.18 -25.60 28.27
CA ILE A 1 13.67 -26.91 27.72
C ILE A 1 15.09 -26.74 27.14
N ASP A 2 15.83 -27.84 26.91
CA ASP A 2 17.26 -27.80 26.54
C ASP A 2 17.51 -27.78 25.01
N TYR A 3 16.45 -28.03 24.24
CA TYR A 3 16.48 -28.26 22.77
C TYR A 3 17.77 -28.88 22.28
N LYS A 4 18.11 -30.06 22.82
CA LYS A 4 19.38 -30.64 22.44
C LYS A 4 19.53 -31.05 20.93
N PHE A 5 18.43 -31.33 20.21
CA PHE A 5 18.52 -31.49 18.78
C PHE A 5 18.62 -30.10 18.07
N TRP A 6 17.61 -29.24 18.38
CA TRP A 6 17.59 -28.02 17.64
C TRP A 6 18.84 -27.14 17.77
N TYR A 7 19.49 -27.19 18.96
CA TYR A 7 20.80 -26.57 19.25
CA TYR A 7 20.71 -26.41 19.11
C TYR A 7 21.89 -26.85 18.24
N THR A 8 21.87 -28.05 17.62
CA THR A 8 22.87 -28.49 16.65
C THR A 8 22.56 -27.98 15.18
N GLN A 9 21.37 -27.33 15.03
CA GLN A 9 20.86 -27.05 13.66
C GLN A 9 21.08 -25.54 13.40
N PRO A 10 21.10 -25.15 12.11
CA PRO A 10 21.28 -23.74 11.79
C PRO A 10 19.94 -22.93 11.95
N VAL A 11 19.48 -22.74 13.16
CA VAL A 11 18.32 -21.95 13.54
C VAL A 11 18.71 -21.08 14.66
N PRO A 12 17.93 -20.07 15.00
CA PRO A 12 18.34 -19.14 16.08
C PRO A 12 18.30 -19.79 17.43
N LYS A 13 19.23 -19.39 18.29
CA LYS A 13 19.05 -19.79 19.69
C LYS A 13 17.86 -19.06 20.32
N ILE A 14 17.31 -19.58 21.43
CA ILE A 14 16.15 -19.00 22.06
C ILE A 14 16.23 -17.52 22.39
N ASN A 15 17.40 -17.02 22.74
CA ASN A 15 17.48 -15.60 22.99
C ASN A 15 18.05 -14.79 21.88
N ASP A 16 18.20 -15.35 20.68
CA ASP A 16 18.75 -14.57 19.57
C ASP A 16 17.71 -13.55 19.07
N GLU A 17 18.17 -12.36 18.67
CA GLU A 17 17.34 -11.33 18.09
C GLU A 17 18.20 -10.67 17.04
N PHE A 18 17.66 -10.47 15.87
CA PHE A 18 18.40 -9.84 14.81
C PHE A 18 17.63 -8.64 14.31
N ASN A 19 18.33 -7.59 13.97
CA ASN A 19 17.63 -6.44 13.46
C ASN A 19 17.33 -6.50 11.94
N GLU A 20 16.54 -5.54 11.45
CA GLU A 20 16.21 -5.54 10.00
C GLU A 20 17.40 -5.43 9.04
N SER A 21 18.58 -5.07 9.48
CA SER A 21 19.71 -5.00 8.62
C SER A 21 20.27 -6.40 8.34
N VAL A 22 19.73 -7.43 8.99
CA VAL A 22 20.28 -8.81 8.82
C VAL A 22 19.17 -9.67 8.21
N ASN A 23 19.51 -10.28 7.09
CA ASN A 23 18.49 -11.11 6.33
C ASN A 23 19.25 -12.01 5.44
N GLU A 24 19.71 -13.10 6.03
CA GLU A 24 20.72 -13.96 5.35
C GLU A 24 20.75 -15.33 5.93
N PRO A 25 21.46 -16.29 5.31
CA PRO A 25 21.59 -17.58 5.97
C PRO A 25 22.38 -17.63 7.25
N PHE A 26 22.15 -18.65 8.09
CA PHE A 26 23.17 -18.91 9.10
C PHE A 26 24.44 -19.46 8.44
N ILE A 27 24.29 -20.34 7.47
CA ILE A 27 25.41 -21.06 6.78
C ILE A 27 25.24 -20.83 5.34
N SER A 28 26.22 -20.14 4.69
CA SER A 28 26.14 -19.85 3.24
CA SER A 28 26.16 -19.81 3.27
C SER A 28 27.29 -20.59 2.57
N ASP A 29 27.35 -20.45 1.29
CA ASP A 29 28.47 -21.11 0.48
C ASP A 29 28.41 -22.64 0.66
N ASN A 30 27.18 -23.13 0.72
CA ASN A 30 26.94 -24.62 0.79
C ASN A 30 27.17 -25.27 -0.54
N LYS A 31 27.63 -26.51 -0.48
CA LYS A 31 28.04 -27.19 -1.70
C LYS A 31 27.29 -28.50 -1.87
N VAL A 32 26.54 -28.65 -2.99
CA VAL A 32 25.82 -29.88 -3.17
C VAL A 32 26.72 -31.11 -3.20
N GLU A 33 27.92 -30.94 -3.77
CA GLU A 33 28.85 -32.05 -3.79
C GLU A 33 29.27 -32.55 -2.42
N ASP A 34 29.14 -31.78 -1.38
CA ASP A 34 29.55 -32.18 -0.03
C ASP A 34 28.43 -32.88 0.77
N VAL A 35 27.20 -32.84 0.25
CA VAL A 35 26.04 -33.39 0.96
C VAL A 35 26.25 -34.90 1.08
N ARG A 36 25.88 -35.41 2.28
CA ARG A 36 26.01 -36.88 2.51
C ARG A 36 25.15 -37.61 1.48
N LYS A 37 25.68 -38.71 0.96
CA LYS A 37 24.94 -39.51 0.01
CA LYS A 37 24.98 -39.51 -0.02
C LYS A 37 24.33 -40.77 0.62
N ASP A 38 24.62 -41.04 1.88
CA ASP A 38 24.08 -42.15 2.60
C ASP A 38 22.82 -41.74 3.39
N GLU A 39 21.79 -42.58 3.32
CA GLU A 39 20.61 -42.37 4.19
C GLU A 39 20.98 -42.45 5.66
N TYR A 40 20.32 -41.59 6.45
CA TYR A 40 20.48 -41.65 7.87
C TYR A 40 20.07 -43.01 8.43
N LYS A 41 20.82 -43.45 9.46
CA LYS A 41 20.48 -44.72 10.13
CA LYS A 41 20.47 -44.72 10.11
C LYS A 41 19.23 -44.65 10.99
N LEU A 42 18.37 -45.67 10.82
CA LEU A 42 17.18 -45.85 11.71
C LEU A 42 17.48 -46.94 12.67
N PRO A 43 16.69 -47.00 13.73
CA PRO A 43 16.90 -48.11 14.65
C PRO A 43 16.66 -49.46 14.00
N PRO A 44 17.26 -50.55 14.56
CA PRO A 44 17.08 -51.87 13.90
C PRO A 44 15.57 -52.24 13.78
N GLY A 45 15.21 -52.80 12.64
CA GLY A 45 13.81 -53.27 12.45
C GLY A 45 12.99 -52.23 11.67
N TYR A 46 13.59 -51.05 11.40
CA TYR A 46 12.89 -49.99 10.63
C TYR A 46 13.62 -49.65 9.36
N SER A 47 12.88 -49.28 8.29
CA SER A 47 13.49 -48.96 7.01
CA SER A 47 13.52 -48.92 7.03
C SER A 47 12.90 -47.71 6.36
N TRP A 48 13.70 -47.01 5.60
CA TRP A 48 13.10 -45.91 4.76
C TRP A 48 12.21 -46.45 3.65
N TYR A 49 11.19 -45.69 3.32
CA TYR A 49 10.36 -46.02 2.19
C TYR A 49 10.03 -44.80 1.36
N VAL A 50 10.15 -44.79 0.03
CA VAL A 50 9.76 -43.58 -0.73
C VAL A 50 8.27 -43.82 -1.06
N CYS A 51 7.41 -42.91 -0.53
CA CYS A 51 5.99 -43.07 -0.78
C CYS A 51 5.66 -42.50 -2.15
N ASP A 52 4.79 -43.16 -2.91
CA ASP A 52 4.32 -42.58 -4.19
C ASP A 52 2.91 -42.07 -3.92
N VAL A 53 2.77 -40.78 -3.63
CA VAL A 53 1.44 -40.25 -3.27
CA VAL A 53 1.48 -40.22 -3.26
C VAL A 53 0.44 -40.31 -4.41
N LYS A 54 0.92 -40.46 -5.65
CA LYS A 54 -0.02 -40.58 -6.71
C LYS A 54 -0.58 -42.02 -6.85
N ASP A 55 0.01 -42.97 -6.11
CA ASP A 55 -0.51 -44.35 -6.05
C ASP A 55 -1.56 -44.41 -4.97
N GLU A 56 -2.79 -44.83 -5.30
CA GLU A 56 -3.84 -44.76 -4.29
C GLU A 56 -3.47 -45.57 -3.05
N LYS A 57 -2.86 -46.73 -3.18
CA LYS A 57 -2.60 -47.54 -1.95
C LYS A 57 -1.51 -46.90 -1.09
N ASP A 58 -0.38 -46.40 -1.68
CA ASP A 58 0.64 -45.71 -0.81
C ASP A 58 -0.04 -44.48 -0.13
N ARG A 59 -0.83 -43.76 -0.88
CA ARG A 59 -1.49 -42.56 -0.35
C ARG A 59 -2.38 -42.97 0.81
N SER A 60 -3.10 -44.06 0.64
N SER A 60 -3.13 -44.06 0.67
CA SER A 60 -3.94 -44.57 1.66
CA SER A 60 -3.96 -44.50 1.77
CA SER A 60 -4.74 -44.59 1.56
C SER A 60 -3.20 -44.92 2.93
C SER A 60 -3.17 -44.93 3.00
N GLU A 61 -1.97 -45.43 2.79
CA GLU A 61 -1.13 -45.71 3.98
CA GLU A 61 -1.12 -45.73 3.95
C GLU A 61 -0.78 -44.45 4.71
N ILE A 62 -0.43 -43.41 3.96
CA ILE A 62 -0.11 -42.16 4.63
C ILE A 62 -1.38 -41.62 5.33
N TYR A 63 -2.48 -41.66 4.61
CA TYR A 63 -3.78 -41.22 5.18
C TYR A 63 -4.04 -41.98 6.49
N THR A 64 -3.83 -43.28 6.55
CA THR A 64 -4.16 -44.02 7.78
C THR A 64 -3.20 -43.64 8.92
N LEU A 65 -1.91 -43.47 8.60
CA LEU A 65 -0.98 -43.04 9.62
C LEU A 65 -1.42 -41.72 10.20
N LEU A 66 -1.74 -40.75 9.34
CA LEU A 66 -2.09 -39.42 9.90
C LEU A 66 -3.43 -39.47 10.63
N THR A 67 -4.39 -40.20 10.02
CA THR A 67 -5.71 -40.25 10.74
C THR A 67 -5.61 -40.76 12.17
N ASP A 68 -4.74 -41.74 12.38
CA ASP A 68 -4.64 -42.32 13.72
C ASP A 68 -3.62 -41.61 14.59
N ASN A 69 -2.66 -40.83 14.05
CA ASN A 69 -1.48 -40.42 14.84
C ASN A 69 -1.09 -38.96 14.67
N TYR A 70 -1.88 -38.17 13.93
CA TYR A 70 -1.47 -36.77 13.69
C TYR A 70 -1.95 -35.85 14.82
N VAL A 71 -1.80 -34.55 14.61
CA VAL A 71 -2.07 -33.48 15.57
C VAL A 71 -3.42 -33.53 16.25
N GLU A 72 -3.39 -33.51 17.59
CA GLU A 72 -4.67 -33.29 18.34
C GLU A 72 -4.66 -31.91 18.98
N ASP A 73 -5.86 -31.42 19.31
CA ASP A 73 -5.88 -30.08 19.99
C ASP A 73 -5.36 -30.26 21.42
N ASP A 74 -5.05 -29.15 22.09
CA ASP A 74 -4.48 -29.14 23.41
C ASP A 74 -5.40 -29.92 24.35
N ASP A 75 -6.71 -29.84 24.10
CA ASP A 75 -7.71 -30.49 24.96
C ASP A 75 -8.04 -31.93 24.64
N ASN A 76 -7.38 -32.52 23.62
CA ASN A 76 -7.67 -33.90 23.09
C ASN A 76 -9.16 -34.17 22.71
N ILE A 77 -9.87 -33.17 22.19
CA ILE A 77 -11.27 -33.30 21.70
C ILE A 77 -11.23 -33.82 20.21
N PHE A 78 -10.22 -33.35 19.48
CA PHE A 78 -10.26 -33.48 18.03
C PHE A 78 -8.87 -34.07 17.56
N ARG A 79 -8.87 -34.81 16.46
CA ARG A 79 -7.54 -35.05 15.75
C ARG A 79 -7.74 -34.63 14.31
N PHE A 80 -6.79 -33.84 13.81
CA PHE A 80 -6.90 -33.50 12.40
C PHE A 80 -7.02 -34.72 11.50
N ASN A 81 -7.85 -34.70 10.44
CA ASN A 81 -8.12 -35.82 9.58
C ASN A 81 -8.08 -35.32 8.12
N TYR A 82 -6.85 -34.90 7.71
CA TYR A 82 -6.63 -34.57 6.26
C TYR A 82 -7.09 -35.71 5.36
N SER A 83 -7.87 -35.43 4.32
CA SER A 83 -8.29 -36.53 3.43
C SER A 83 -7.25 -37.01 2.49
N ALA A 84 -7.42 -38.24 1.96
CA ALA A 84 -6.43 -38.70 1.04
C ALA A 84 -6.42 -37.77 -0.19
N GLU A 85 -7.59 -37.28 -0.71
CA GLU A 85 -7.49 -36.37 -1.88
CA GLU A 85 -7.53 -36.36 -1.87
C GLU A 85 -6.77 -35.09 -1.52
N PHE A 86 -6.90 -34.63 -0.28
CA PHE A 86 -6.20 -33.43 0.15
C PHE A 86 -4.69 -33.69 0.10
N LEU A 87 -4.28 -34.84 0.68
CA LEU A 87 -2.82 -35.18 0.66
C LEU A 87 -2.27 -35.19 -0.76
N LEU A 88 -3.06 -35.72 -1.73
CA LEU A 88 -2.60 -35.68 -3.12
C LEU A 88 -2.38 -34.21 -3.59
N TRP A 89 -3.33 -33.34 -3.34
CA TRP A 89 -3.18 -31.91 -3.73
C TRP A 89 -2.03 -31.27 -3.03
N ALA A 90 -1.85 -31.49 -1.72
CA ALA A 90 -0.85 -30.78 -0.92
C ALA A 90 0.55 -31.17 -1.35
N LEU A 91 0.72 -32.38 -1.83
CA LEU A 91 2.08 -32.91 -2.02
C LEU A 91 2.55 -32.99 -3.44
N THR A 92 1.68 -32.64 -4.41
CA THR A 92 2.03 -32.81 -5.87
C THR A 92 1.89 -31.50 -6.63
N SER A 93 2.27 -30.45 -5.93
CA SER A 93 2.44 -29.14 -6.56
C SER A 93 3.54 -29.06 -7.62
N PRO A 94 3.54 -28.00 -8.43
CA PRO A 94 4.49 -28.01 -9.56
C PRO A 94 5.94 -28.20 -9.12
N ASN A 95 6.58 -29.12 -9.86
CA ASN A 95 8.01 -29.48 -9.68
C ASN A 95 8.27 -30.16 -8.31
N TYR A 96 7.21 -30.77 -7.74
N TYR A 96 7.20 -30.76 -7.74
CA TYR A 96 7.45 -31.55 -6.52
CA TYR A 96 7.35 -31.57 -6.52
C TYR A 96 8.38 -32.69 -6.81
C TYR A 96 8.28 -32.76 -6.78
N LEU A 97 8.98 -33.13 -5.72
CA LEU A 97 9.90 -34.36 -5.74
C LEU A 97 9.23 -35.48 -4.97
N LYS A 98 8.99 -36.60 -5.63
CA LYS A 98 8.54 -37.85 -4.95
C LYS A 98 9.49 -38.21 -3.83
N THR A 99 10.77 -38.04 -4.01
CA THR A 99 11.75 -38.43 -3.01
C THR A 99 11.81 -37.55 -1.80
N TRP A 100 10.99 -36.46 -1.73
CA TRP A 100 10.78 -35.73 -0.52
C TRP A 100 9.54 -36.12 0.22
N HIS A 101 8.90 -37.21 -0.16
CA HIS A 101 7.70 -37.79 0.55
C HIS A 101 8.16 -39.08 1.27
N ILE A 102 8.69 -38.91 2.48
CA ILE A 102 9.55 -39.95 3.03
C ILE A 102 8.79 -40.70 4.13
N GLY A 103 8.67 -42.03 3.97
CA GLY A 103 8.03 -42.84 5.01
C GLY A 103 9.11 -43.62 5.76
N VAL A 104 8.67 -44.15 6.90
CA VAL A 104 9.51 -45.17 7.63
C VAL A 104 8.57 -46.31 7.92
N LYS A 105 9.03 -47.53 7.56
CA LYS A 105 8.20 -48.74 7.85
C LYS A 105 8.85 -49.57 8.96
N TYR A 106 7.99 -50.25 9.74
CA TYR A 106 8.45 -51.26 10.70
C TYR A 106 8.52 -52.56 9.88
N ASP A 107 9.68 -53.12 9.76
CA ASP A 107 9.93 -54.18 8.77
C ASP A 107 9.03 -55.41 9.08
N ALA A 108 8.87 -55.74 10.36
CA ALA A 108 8.23 -57.04 10.67
C ALA A 108 6.78 -57.07 10.23
N SER A 109 6.10 -55.92 10.24
CA SER A 109 4.68 -55.84 9.84
C SER A 109 4.48 -55.19 8.48
N ASN A 110 5.52 -54.55 7.93
CA ASN A 110 5.46 -53.83 6.68
C ASN A 110 4.51 -52.64 6.73
N LYS A 111 4.41 -52.07 7.89
CA LYS A 111 3.43 -50.95 8.13
C LYS A 111 4.19 -49.66 8.24
N LEU A 112 3.55 -48.60 7.74
CA LEU A 112 4.17 -47.28 7.85
C LEU A 112 4.00 -46.79 9.24
N ILE A 113 5.07 -46.32 9.87
CA ILE A 113 5.04 -45.86 11.22
C ILE A 113 5.52 -44.40 11.40
N GLY A 114 6.06 -43.82 10.31
CA GLY A 114 6.53 -42.40 10.38
C GLY A 114 6.47 -41.84 8.96
N PHE A 115 6.41 -40.52 8.94
CA PHE A 115 6.28 -39.79 7.66
C PHE A 115 6.84 -38.38 7.82
N ILE A 116 7.42 -37.81 6.76
CA ILE A 116 7.67 -36.38 6.72
C ILE A 116 7.64 -36.01 5.22
N SER A 117 7.26 -34.76 4.91
CA SER A 117 7.25 -34.37 3.52
C SER A 117 7.74 -32.94 3.32
N ALA A 118 8.07 -32.63 2.08
CA ALA A 118 8.34 -31.21 1.73
C ALA A 118 7.94 -31.09 0.26
N ILE A 119 7.66 -29.83 -0.10
CA ILE A 119 7.49 -29.40 -1.49
C ILE A 119 8.29 -28.15 -1.75
N PRO A 120 8.75 -27.93 -2.99
CA PRO A 120 9.56 -26.73 -3.28
C PRO A 120 8.72 -25.51 -3.59
N THR A 121 9.13 -24.37 -3.07
CA THR A 121 8.43 -23.10 -3.35
C THR A 121 9.41 -21.94 -3.26
N ASP A 122 9.14 -20.87 -3.96
CA ASP A 122 9.94 -19.64 -3.79
CA ASP A 122 9.95 -19.65 -3.84
C ASP A 122 9.32 -18.79 -2.74
N ILE A 123 10.12 -18.39 -1.70
CA ILE A 123 9.58 -17.66 -0.58
C ILE A 123 10.31 -16.34 -0.59
N CYS A 124 9.53 -15.27 -0.47
CA CYS A 124 10.08 -13.93 -0.23
C CYS A 124 10.08 -13.58 1.24
N ILE A 125 11.26 -13.37 1.84
CA ILE A 125 11.43 -13.03 3.25
C ILE A 125 12.16 -11.68 3.28
N HIS A 126 11.43 -10.71 3.81
CA HIS A 126 11.99 -9.31 3.88
C HIS A 126 12.58 -8.88 2.57
N LYS A 127 11.72 -9.09 1.51
CA LYS A 127 12.03 -8.66 0.14
C LYS A 127 13.12 -9.46 -0.59
N ARG A 128 13.69 -10.51 0.00
CA ARG A 128 14.66 -11.40 -0.69
CA ARG A 128 14.64 -11.39 -0.69
C ARG A 128 13.94 -12.69 -1.03
N THR A 129 13.97 -13.11 -2.32
CA THR A 129 13.27 -14.35 -2.75
C THR A 129 14.30 -15.45 -2.78
N ILE A 130 13.93 -16.53 -2.08
CA ILE A 130 14.84 -17.67 -1.89
C ILE A 130 14.07 -18.91 -2.25
N LYS A 131 14.74 -19.85 -2.94
CA LYS A 131 14.08 -21.17 -3.13
CA LYS A 131 14.08 -21.18 -3.15
C LYS A 131 14.13 -21.96 -1.85
N MET A 132 12.98 -22.44 -1.37
CA MET A 132 12.91 -23.11 -0.09
C MET A 132 12.15 -24.41 -0.27
N ALA A 133 12.25 -25.25 0.71
CA ALA A 133 11.32 -26.37 0.92
C ALA A 133 10.27 -25.99 1.97
N GLU A 134 8.99 -26.32 1.76
CA GLU A 134 7.95 -26.14 2.76
C GLU A 134 7.67 -27.53 3.33
N VAL A 135 8.01 -27.70 4.60
CA VAL A 135 7.91 -29.03 5.26
C VAL A 135 6.57 -29.14 5.96
N ASN A 136 5.96 -30.36 5.87
CA ASN A 136 4.65 -30.54 6.54
C ASN A 136 4.51 -32.03 6.74
N PHE A 137 3.54 -32.37 7.59
CA PHE A 137 3.03 -33.74 7.81
C PHE A 137 4.03 -34.60 8.51
N LEU A 138 4.90 -34.00 9.33
CA LEU A 138 5.76 -34.86 10.19
C LEU A 138 4.90 -35.64 11.20
N CYS A 139 5.09 -36.94 11.23
CA CYS A 139 4.24 -37.76 12.13
C CYS A 139 4.99 -39.07 12.48
N VAL A 140 5.03 -39.31 13.79
CA VAL A 140 5.53 -40.64 14.30
C VAL A 140 4.36 -41.34 14.95
N HIS A 141 4.24 -42.63 14.69
CA HIS A 141 3.16 -43.40 15.33
C HIS A 141 3.13 -43.17 16.87
N LYS A 142 1.91 -43.15 17.41
CA LYS A 142 1.79 -42.82 18.83
C LYS A 142 2.48 -43.88 19.73
N THR A 143 2.64 -45.08 19.24
CA THR A 143 3.33 -46.11 20.06
C THR A 143 4.83 -45.95 20.06
N LEU A 144 5.40 -44.99 19.26
CA LEU A 144 6.89 -44.87 19.12
C LEU A 144 7.33 -43.49 19.48
N ARG A 145 6.56 -42.76 20.29
CA ARG A 145 6.91 -41.40 20.68
C ARG A 145 8.06 -41.31 21.68
N SER A 146 8.79 -40.17 21.59
CA SER A 146 9.90 -39.84 22.54
C SER A 146 10.99 -40.83 22.40
N LYS A 147 11.21 -41.38 21.23
CA LYS A 147 12.34 -42.30 20.93
C LYS A 147 13.37 -41.60 20.05
N ARG A 148 13.25 -40.29 19.87
CA ARG A 148 14.19 -39.54 18.99
C ARG A 148 14.11 -40.00 17.58
N LEU A 149 12.93 -40.42 17.05
CA LEU A 149 12.79 -40.68 15.62
C LEU A 149 12.56 -39.39 14.87
N ALA A 150 11.94 -38.39 15.48
CA ALA A 150 11.64 -37.17 14.68
C ALA A 150 12.92 -36.47 14.14
N PRO A 151 14.01 -36.38 14.97
CA PRO A 151 15.23 -35.79 14.44
C PRO A 151 15.81 -36.62 13.29
N VAL A 152 15.62 -37.94 13.25
CA VAL A 152 16.13 -38.71 12.17
C VAL A 152 15.33 -38.35 10.90
N LEU A 153 13.99 -38.25 11.00
CA LEU A 153 13.21 -37.84 9.81
C LEU A 153 13.60 -36.41 9.34
N ILE A 154 13.81 -35.51 10.32
CA ILE A 154 14.20 -34.12 9.96
C ILE A 154 15.57 -34.13 9.27
N LYS A 155 16.55 -34.80 9.86
CA LYS A 155 17.87 -34.83 9.16
C LYS A 155 17.84 -35.49 7.81
N GLU A 156 17.03 -36.52 7.61
CA GLU A 156 16.97 -37.25 6.33
C GLU A 156 16.30 -36.33 5.28
N ILE A 157 15.22 -35.63 5.66
CA ILE A 157 14.63 -34.77 4.63
CA ILE A 157 14.62 -34.75 4.64
C ILE A 157 15.56 -33.56 4.31
N THR A 158 16.28 -33.08 5.33
CA THR A 158 17.21 -31.95 5.07
C THR A 158 18.23 -32.43 4.09
N ARG A 159 18.77 -33.66 4.26
CA ARG A 159 19.77 -34.20 3.31
C ARG A 159 19.23 -34.24 1.85
N ARG A 160 18.03 -34.76 1.70
CA ARG A 160 17.46 -34.86 0.35
C ARG A 160 17.12 -33.49 -0.27
N ILE A 161 16.70 -32.55 0.59
CA ILE A 161 16.48 -31.20 0.08
C ILE A 161 17.82 -30.56 -0.37
N ASN A 162 18.88 -30.70 0.47
CA ASN A 162 20.18 -30.15 0.13
C ASN A 162 20.73 -30.75 -1.15
N LEU A 163 20.39 -31.98 -1.50
CA LEU A 163 20.87 -32.60 -2.75
C LEU A 163 20.30 -31.88 -3.96
N GLU A 164 19.18 -31.13 -3.78
CA GLU A 164 18.63 -30.28 -4.85
C GLU A 164 19.16 -28.87 -4.80
N ASN A 165 20.26 -28.61 -4.05
CA ASN A 165 20.86 -27.29 -3.94
C ASN A 165 19.88 -26.25 -3.32
N ILE A 166 19.07 -26.75 -2.38
CA ILE A 166 18.15 -25.91 -1.57
C ILE A 166 18.61 -26.01 -0.14
N TRP A 167 18.73 -24.85 0.50
CA TRP A 167 19.40 -24.76 1.82
C TRP A 167 18.60 -24.02 2.90
N GLN A 168 17.36 -23.68 2.58
CA GLN A 168 16.42 -23.06 3.48
C GLN A 168 15.13 -23.78 3.43
N ALA A 169 14.34 -23.65 4.52
CA ALA A 169 12.98 -24.27 4.54
C ALA A 169 12.09 -23.33 5.39
N ILE A 170 10.79 -23.55 5.14
CA ILE A 170 9.75 -22.94 5.97
C ILE A 170 8.85 -23.99 6.54
N TYR A 171 8.45 -23.77 7.81
CA TYR A 171 7.59 -24.76 8.46
C TYR A 171 6.76 -24.04 9.57
N THR A 172 5.67 -24.70 10.01
CA THR A 172 4.87 -24.13 11.12
C THR A 172 4.68 -25.18 12.11
N ALA A 173 4.42 -24.78 13.33
CA ALA A 173 4.01 -25.80 14.38
C ALA A 173 3.29 -25.05 15.47
N GLY A 174 2.47 -25.82 16.21
CA GLY A 174 1.79 -25.23 17.37
C GLY A 174 2.74 -25.29 18.53
N VAL A 175 3.77 -26.12 18.49
CA VAL A 175 4.79 -26.14 19.64
C VAL A 175 5.79 -25.01 19.48
N TYR A 176 6.35 -24.55 20.57
CA TYR A 176 7.41 -23.51 20.56
C TYR A 176 8.76 -24.19 20.41
N LEU A 177 9.48 -23.78 19.41
CA LEU A 177 10.83 -24.29 19.07
C LEU A 177 11.71 -23.12 18.77
N PRO A 178 13.01 -23.35 18.74
CA PRO A 178 13.86 -22.21 18.39
C PRO A 178 13.79 -21.97 16.87
N LYS A 179 13.44 -20.73 16.42
CA LYS A 179 12.81 -19.67 17.18
C LYS A 179 11.85 -19.02 16.17
N PRO A 180 10.61 -18.72 16.58
CA PRO A 180 9.65 -18.30 15.52
C PRO A 180 10.03 -16.97 14.86
N VAL A 181 9.77 -16.88 13.56
CA VAL A 181 9.82 -15.53 12.95
C VAL A 181 8.53 -14.78 13.16
N SER A 182 7.43 -15.51 13.39
CA SER A 182 6.14 -14.81 13.77
C SER A 182 5.25 -15.84 14.42
N ASP A 183 4.18 -15.40 15.09
CA ASP A 183 3.37 -16.35 15.86
C ASP A 183 1.93 -15.80 15.74
N ALA A 184 1.03 -16.64 15.19
CA ALA A 184 -0.38 -16.18 14.91
C ALA A 184 -1.38 -17.06 15.59
N ARG A 185 -2.25 -16.44 16.37
CA ARG A 185 -3.38 -17.22 17.01
C ARG A 185 -4.43 -17.60 15.93
N TYR A 186 -5.06 -18.73 16.22
N TYR A 186 -5.04 -18.77 16.08
CA TYR A 186 -6.26 -19.20 15.56
CA TYR A 186 -6.25 -19.08 15.30
C TYR A 186 -7.48 -18.49 16.09
C TYR A 186 -7.48 -18.59 16.03
N TYR A 187 -8.41 -18.20 15.19
CA TYR A 187 -9.82 -17.77 15.58
C TYR A 187 -10.81 -18.55 14.77
N HIS A 188 -12.01 -18.75 15.36
CA HIS A 188 -13.04 -19.63 14.78
CA HIS A 188 -13.03 -19.61 14.75
C HIS A 188 -14.35 -18.85 14.70
N ARG A 189 -15.03 -19.03 13.58
CA ARG A 189 -16.39 -18.45 13.39
C ARG A 189 -17.33 -19.64 13.28
N SER A 190 -18.25 -19.73 14.32
CA SER A 190 -19.18 -20.84 14.35
C SER A 190 -20.16 -20.71 13.20
N ILE A 191 -20.45 -21.81 12.55
CA ILE A 191 -21.50 -21.90 11.53
C ILE A 191 -22.63 -22.79 12.03
N ASN A 192 -22.34 -24.02 12.35
CA ASN A 192 -23.35 -24.97 12.89
CA ASN A 192 -23.34 -24.96 12.87
C ASN A 192 -23.17 -24.94 14.41
N VAL A 193 -23.75 -23.93 15.10
CA VAL A 193 -23.45 -23.70 16.51
CA VAL A 193 -23.33 -23.76 16.51
C VAL A 193 -23.93 -24.88 17.37
N LYS A 194 -25.08 -25.45 17.01
CA LYS A 194 -25.60 -26.50 17.89
C LYS A 194 -24.63 -27.69 17.90
N LYS A 195 -24.14 -28.08 16.73
CA LYS A 195 -23.15 -29.17 16.67
C LYS A 195 -21.87 -28.80 17.46
N LEU A 196 -21.36 -27.57 17.27
CA LEU A 196 -20.18 -27.16 18.02
C LEU A 196 -20.34 -27.21 19.52
N ILE A 197 -21.55 -26.91 20.04
N ILE A 197 -21.56 -26.90 20.00
CA ILE A 197 -21.79 -27.03 21.48
CA ILE A 197 -21.90 -26.98 21.40
C ILE A 197 -21.87 -28.53 21.86
C ILE A 197 -21.98 -28.42 21.88
N GLU A 198 -22.63 -29.28 21.09
CA GLU A 198 -22.81 -30.72 21.42
C GLU A 198 -21.52 -31.47 21.53
N ILE A 199 -20.55 -31.07 20.73
CA ILE A 199 -19.26 -31.85 20.71
C ILE A 199 -18.26 -31.23 21.68
N GLY A 200 -18.58 -30.13 22.33
CA GLY A 200 -17.85 -29.75 23.52
C GLY A 200 -16.88 -28.66 23.24
N PHE A 201 -16.97 -28.12 22.06
CA PHE A 201 -16.15 -27.02 21.70
C PHE A 201 -16.63 -25.61 22.12
N SER A 202 -17.82 -25.27 21.65
CA SER A 202 -18.42 -24.02 22.08
C SER A 202 -19.19 -24.13 23.38
N SER A 203 -19.33 -23.01 24.07
N SER A 203 -19.33 -23.01 24.08
CA SER A 203 -20.11 -22.92 25.31
CA SER A 203 -20.11 -22.97 25.33
C SER A 203 -21.37 -22.05 25.24
C SER A 203 -21.35 -22.07 25.25
N LEU A 204 -22.27 -22.30 26.19
CA LEU A 204 -23.45 -21.45 26.42
C LEU A 204 -23.44 -20.96 27.85
N ASN A 205 -24.25 -19.93 28.17
CA ASN A 205 -24.52 -19.52 29.55
C ASN A 205 -25.94 -18.91 29.68
N SER A 206 -26.29 -18.44 30.88
CA SER A 206 -27.65 -18.04 31.11
CA SER A 206 -27.63 -17.89 31.22
C SER A 206 -28.06 -16.83 30.24
N ARG A 207 -27.09 -15.95 29.88
CA ARG A 207 -27.30 -14.92 28.89
CA ARG A 207 -27.28 -14.91 28.84
C ARG A 207 -27.43 -15.57 27.49
N LEU A 208 -26.42 -16.39 27.13
CA LEU A 208 -26.41 -16.98 25.80
C LEU A 208 -26.97 -18.40 25.89
N THR A 209 -28.30 -18.48 25.76
CA THR A 209 -29.02 -19.75 25.67
C THR A 209 -28.81 -20.36 24.27
N MET A 210 -29.22 -21.58 24.04
CA MET A 210 -29.00 -22.19 22.77
C MET A 210 -29.69 -21.42 21.64
N SER A 211 -30.94 -20.96 21.89
CA SER A 211 -31.65 -20.23 20.78
C SER A 211 -30.91 -18.89 20.51
N ARG A 212 -30.42 -18.27 21.57
CA ARG A 212 -29.70 -16.95 21.43
C ARG A 212 -28.39 -17.15 20.69
N ALA A 213 -27.70 -18.23 20.98
CA ALA A 213 -26.46 -18.57 20.20
C ALA A 213 -26.77 -18.83 18.75
N ILE A 214 -27.77 -19.57 18.44
CA ILE A 214 -28.13 -19.81 17.03
C ILE A 214 -28.44 -18.50 16.32
N LYS A 215 -29.19 -17.59 16.97
CA LYS A 215 -29.45 -16.26 16.38
C LYS A 215 -28.21 -15.46 16.26
N LEU A 216 -27.31 -15.50 17.22
CA LEU A 216 -26.10 -14.71 17.13
C LEU A 216 -25.28 -15.07 15.89
N TYR A 217 -25.27 -16.35 15.53
CA TYR A 217 -24.36 -16.80 14.46
C TYR A 217 -25.06 -16.97 13.12
N ARG A 218 -26.33 -16.59 13.08
CA ARG A 218 -27.14 -16.66 11.86
CA ARG A 218 -27.11 -16.71 11.86
C ARG A 218 -26.54 -15.80 10.80
N VAL A 219 -26.53 -16.33 9.57
CA VAL A 219 -26.11 -15.47 8.47
CA VAL A 219 -25.93 -15.78 8.32
C VAL A 219 -27.09 -15.45 7.31
N GLU A 220 -27.15 -14.24 6.73
CA GLU A 220 -28.04 -14.01 5.54
C GLU A 220 -27.45 -14.74 4.34
N ASP A 221 -28.27 -15.54 3.65
CA ASP A 221 -27.84 -16.27 2.49
C ASP A 221 -27.77 -15.42 1.18
N THR A 222 -27.19 -14.24 1.28
CA THR A 222 -26.99 -13.35 0.11
C THR A 222 -25.57 -12.78 0.16
N LEU A 223 -24.87 -12.94 -0.95
CA LEU A 223 -23.53 -12.42 -1.12
C LEU A 223 -23.52 -10.89 -1.20
N ASN A 224 -22.57 -10.33 -0.46
CA ASN A 224 -22.24 -8.91 -0.66
C ASN A 224 -21.69 -8.59 -2.04
N ILE A 225 -20.97 -9.54 -2.61
CA ILE A 225 -20.41 -9.38 -3.93
C ILE A 225 -21.18 -10.42 -4.80
N LYS A 226 -22.20 -9.91 -5.53
CA LYS A 226 -23.21 -10.80 -6.14
CA LYS A 226 -23.19 -10.81 -6.13
C LYS A 226 -22.63 -11.78 -7.12
N ASN A 227 -21.57 -11.40 -7.87
CA ASN A 227 -21.12 -12.28 -8.91
C ASN A 227 -19.94 -13.15 -8.48
N MET A 228 -19.69 -13.28 -7.17
CA MET A 228 -18.66 -14.25 -6.71
CA MET A 228 -18.64 -14.28 -6.77
C MET A 228 -19.01 -15.66 -7.15
N ARG A 229 -18.08 -16.37 -7.84
CA ARG A 229 -18.40 -17.65 -8.44
C ARG A 229 -17.14 -18.54 -8.37
N LEU A 230 -17.35 -19.82 -8.49
CA LEU A 230 -16.17 -20.76 -8.42
C LEU A 230 -15.16 -20.35 -9.52
N MET A 231 -13.89 -20.40 -9.14
CA MET A 231 -12.83 -20.12 -10.11
C MET A 231 -12.73 -21.23 -11.14
N LYS A 232 -12.36 -20.78 -12.35
CA LYS A 232 -12.17 -21.72 -13.50
C LYS A 232 -10.80 -21.47 -14.07
N LYS A 233 -10.36 -22.37 -14.98
CA LYS A 233 -9.04 -22.17 -15.62
C LYS A 233 -8.85 -20.83 -16.29
N LYS A 234 -9.95 -20.23 -16.86
CA LYS A 234 -9.82 -18.90 -17.49
C LYS A 234 -9.35 -17.85 -16.54
N ASP A 235 -9.48 -18.07 -15.22
CA ASP A 235 -9.24 -17.02 -14.22
C ASP A 235 -7.81 -17.06 -13.66
N VAL A 236 -6.99 -18.03 -14.06
CA VAL A 236 -5.65 -18.18 -13.48
C VAL A 236 -4.81 -16.94 -13.72
N GLU A 237 -4.80 -16.36 -14.91
CA GLU A 237 -3.93 -15.17 -15.14
C GLU A 237 -4.43 -14.02 -14.24
N GLY A 238 -5.74 -13.86 -14.08
CA GLY A 238 -6.22 -12.79 -13.26
C GLY A 238 -5.98 -12.97 -11.79
N VAL A 239 -6.13 -14.20 -11.29
CA VAL A 239 -5.83 -14.49 -9.90
C VAL A 239 -4.32 -14.28 -9.66
N HIS A 240 -3.48 -14.71 -10.58
CA HIS A 240 -2.01 -14.50 -10.42
C HIS A 240 -1.71 -13.01 -10.22
N LYS A 241 -2.35 -12.13 -11.03
CA LYS A 241 -2.16 -10.71 -10.88
C LYS A 241 -2.75 -10.16 -9.60
N LEU A 242 -4.00 -10.48 -9.25
CA LEU A 242 -4.62 -9.87 -8.09
C LEU A 242 -3.91 -10.35 -6.81
N LEU A 243 -3.67 -11.70 -6.70
CA LEU A 243 -3.01 -12.15 -5.47
C LEU A 243 -1.57 -11.73 -5.45
N GLY A 244 -0.86 -11.86 -6.58
CA GLY A 244 0.59 -11.56 -6.54
C GLY A 244 0.72 -10.09 -6.14
N SER A 245 -0.10 -9.19 -6.64
CA SER A 245 0.05 -7.81 -6.29
C SER A 245 -0.18 -7.55 -4.83
N TYR A 246 -1.22 -8.18 -4.29
CA TYR A 246 -1.53 -8.03 -2.91
C TYR A 246 -0.42 -8.58 -1.96
N LEU A 247 0.18 -9.67 -2.32
CA LEU A 247 1.08 -10.32 -1.36
C LEU A 247 2.37 -9.55 -1.22
N GLU A 248 2.71 -8.72 -2.20
CA GLU A 248 4.04 -8.02 -2.14
C GLU A 248 4.23 -7.12 -0.92
N GLN A 249 3.15 -6.72 -0.26
CA GLN A 249 3.28 -5.88 0.93
C GLN A 249 3.79 -6.64 2.13
N PHE A 250 3.72 -7.95 2.15
CA PHE A 250 4.05 -8.68 3.40
C PHE A 250 5.52 -9.03 3.54
N ASN A 251 5.92 -9.28 4.78
CA ASN A 251 7.30 -9.56 5.09
C ASN A 251 7.63 -11.01 4.74
N LEU A 252 6.63 -11.91 4.55
CA LEU A 252 6.92 -13.30 4.27
C LEU A 252 5.77 -13.77 3.38
N TYR A 253 6.08 -14.29 2.22
CA TYR A 253 4.97 -14.77 1.29
C TYR A 253 5.58 -15.67 0.26
N ALA A 254 4.73 -16.52 -0.35
CA ALA A 254 5.22 -17.31 -1.45
C ALA A 254 5.05 -16.52 -2.74
N VAL A 255 6.04 -16.70 -3.63
CA VAL A 255 6.01 -16.04 -4.91
C VAL A 255 5.46 -17.00 -5.93
N PHE A 256 4.17 -16.94 -6.21
CA PHE A 256 3.52 -17.98 -7.02
C PHE A 256 3.72 -17.73 -8.54
N THR A 257 4.11 -18.76 -9.28
CA THR A 257 4.02 -18.74 -10.73
C THR A 257 2.61 -18.99 -11.19
N LYS A 258 2.34 -18.81 -12.49
CA LYS A 258 0.95 -19.07 -12.98
C LYS A 258 0.63 -20.50 -12.78
N GLU A 259 1.60 -21.39 -13.02
CA GLU A 259 1.31 -22.85 -12.84
C GLU A 259 1.00 -23.17 -11.38
N GLU A 260 1.68 -22.44 -10.47
CA GLU A 260 1.38 -22.66 -9.04
C GLU A 260 -0.03 -22.12 -8.68
N ILE A 261 -0.40 -20.97 -9.28
CA ILE A 261 -1.78 -20.48 -9.01
C ILE A 261 -2.84 -21.52 -9.47
N ALA A 262 -2.61 -22.13 -10.63
CA ALA A 262 -3.61 -23.12 -11.13
C ALA A 262 -3.65 -24.29 -10.14
N HIS A 263 -2.46 -24.77 -9.69
CA HIS A 263 -2.50 -25.91 -8.76
C HIS A 263 -3.15 -25.56 -7.41
N TRP A 264 -2.78 -24.43 -6.82
CA TRP A 264 -3.15 -24.17 -5.44
C TRP A 264 -4.59 -23.64 -5.34
N PHE A 265 -5.14 -23.08 -6.44
CA PHE A 265 -6.47 -22.44 -6.31
C PHE A 265 -7.55 -23.08 -7.16
N LEU A 266 -7.30 -23.80 -8.23
CA LEU A 266 -8.45 -24.29 -9.02
C LEU A 266 -9.22 -25.28 -8.15
N PRO A 267 -10.56 -25.16 -8.11
CA PRO A 267 -11.30 -25.92 -7.06
CA PRO A 267 -11.28 -25.93 -7.04
C PRO A 267 -11.27 -27.43 -7.21
N ILE A 268 -11.23 -28.08 -6.05
CA ILE A 268 -11.35 -29.56 -5.91
C ILE A 268 -12.31 -29.77 -4.81
N GLU A 269 -13.42 -30.44 -5.16
CA GLU A 269 -14.49 -30.58 -4.14
C GLU A 269 -13.90 -31.34 -2.89
N ASN A 270 -14.27 -30.83 -1.68
CA ASN A 270 -13.80 -31.39 -0.40
C ASN A 270 -12.34 -31.23 -0.20
N VAL A 271 -11.71 -30.31 -0.98
CA VAL A 271 -10.29 -30.03 -0.74
C VAL A 271 -10.01 -28.52 -0.75
N ILE A 272 -10.27 -27.85 -1.87
CA ILE A 272 -9.93 -26.38 -2.01
C ILE A 272 -11.01 -25.69 -2.79
N TYR A 273 -11.47 -24.60 -2.23
CA TYR A 273 -12.59 -23.79 -2.78
C TYR A 273 -12.09 -22.40 -3.05
N THR A 274 -12.19 -21.94 -4.28
CA THR A 274 -11.76 -20.57 -4.63
C THR A 274 -12.88 -19.94 -5.44
N TYR A 275 -13.22 -18.72 -5.04
CA TYR A 275 -14.31 -17.97 -5.73
CA TYR A 275 -14.26 -17.96 -5.80
C TYR A 275 -13.68 -16.65 -6.21
N VAL A 276 -14.18 -16.15 -7.32
CA VAL A 276 -13.65 -14.93 -7.86
C VAL A 276 -14.81 -14.01 -8.29
N ASN A 277 -14.55 -12.71 -8.29
CA ASN A 277 -15.46 -11.75 -8.90
C ASN A 277 -14.75 -11.16 -10.14
N GLU A 278 -15.40 -11.38 -11.31
CA GLU A 278 -14.83 -10.92 -12.62
C GLU A 278 -15.66 -9.72 -13.01
N GLU A 279 -14.99 -8.61 -13.27
CA GLU A 279 -15.71 -7.41 -13.72
C GLU A 279 -14.94 -6.89 -14.93
N ASN A 280 -15.63 -6.67 -16.06
CA ASN A 280 -14.82 -6.22 -17.28
C ASN A 280 -13.64 -7.15 -17.67
N GLY A 281 -13.76 -8.45 -17.39
CA GLY A 281 -12.70 -9.39 -17.79
C GLY A 281 -11.50 -9.31 -16.89
N LYS A 282 -11.63 -8.57 -15.79
CA LYS A 282 -10.57 -8.55 -14.79
C LYS A 282 -11.04 -9.25 -13.49
N ILE A 283 -10.16 -9.98 -12.85
CA ILE A 283 -10.53 -10.59 -11.53
C ILE A 283 -10.24 -9.51 -10.46
N LYS A 284 -11.28 -8.98 -9.77
CA LYS A 284 -11.10 -7.88 -8.87
C LYS A 284 -11.20 -8.31 -7.42
N ASP A 285 -11.71 -9.56 -7.16
CA ASP A 285 -11.82 -10.00 -5.75
C ASP A 285 -11.71 -11.52 -5.76
N MET A 286 -11.19 -12.10 -4.65
CA MET A 286 -11.12 -13.60 -4.56
C MET A 286 -11.25 -13.98 -3.09
N ILE A 287 -11.86 -15.16 -2.95
CA ILE A 287 -11.99 -15.81 -1.66
C ILE A 287 -11.49 -17.22 -1.82
N SER A 288 -10.74 -17.75 -0.82
CA SER A 288 -10.42 -19.18 -0.91
C SER A 288 -10.28 -19.74 0.52
N PHE A 289 -10.61 -21.00 0.58
CA PHE A 289 -10.54 -21.76 1.87
C PHE A 289 -10.38 -23.20 1.55
N TYR A 290 -9.64 -23.89 2.44
CA TYR A 290 -9.49 -25.36 2.21
C TYR A 290 -10.23 -26.19 3.26
N SER A 291 -10.48 -27.44 2.93
CA SER A 291 -11.23 -28.32 3.86
C SER A 291 -10.28 -29.13 4.68
N LEU A 292 -10.43 -29.05 6.00
CA LEU A 292 -9.59 -29.85 6.96
C LEU A 292 -10.51 -30.34 8.04
N PRO A 293 -11.06 -31.54 7.84
CA PRO A 293 -11.92 -32.10 8.88
C PRO A 293 -11.08 -32.58 10.07
N SER A 294 -11.76 -32.60 11.22
CA SER A 294 -11.16 -33.28 12.39
C SER A 294 -12.04 -34.43 12.80
N GLN A 295 -11.42 -35.53 13.17
CA GLN A 295 -12.13 -36.59 13.82
C GLN A 295 -12.48 -36.17 15.25
N ILE A 296 -13.73 -36.46 15.63
CA ILE A 296 -14.18 -36.06 17.00
C ILE A 296 -13.99 -37.32 17.85
N LEU A 297 -13.06 -37.23 18.78
CA LEU A 297 -12.60 -38.44 19.46
C LEU A 297 -13.70 -38.96 20.38
N GLY A 298 -14.13 -40.19 20.21
CA GLY A 298 -15.04 -40.86 21.16
C GLY A 298 -16.48 -40.47 21.06
N ASN A 299 -16.85 -39.68 20.03
CA ASN A 299 -18.25 -39.17 20.04
C ASN A 299 -19.15 -40.08 19.26
N ASP A 300 -20.31 -40.35 19.86
CA ASP A 300 -21.24 -41.34 19.33
C ASP A 300 -22.23 -40.72 18.33
N LYS A 301 -22.51 -39.42 18.45
CA LYS A 301 -23.40 -38.81 17.49
C LYS A 301 -22.57 -38.39 16.25
N TYR A 302 -21.49 -37.65 16.47
CA TYR A 302 -20.75 -37.07 15.32
C TYR A 302 -19.37 -37.68 15.29
N SER A 303 -18.98 -38.17 14.14
CA SER A 303 -17.59 -38.59 14.03
C SER A 303 -16.65 -37.50 13.44
N THR A 304 -17.21 -36.46 12.76
CA THR A 304 -16.32 -35.55 11.97
C THR A 304 -16.80 -34.14 12.14
N LEU A 305 -15.84 -33.26 12.42
CA LEU A 305 -16.07 -31.84 12.38
C LEU A 305 -15.65 -31.37 11.00
N ASN A 306 -16.57 -30.85 10.19
N ASN A 306 -16.55 -30.66 10.32
CA ASN A 306 -16.10 -30.30 8.92
CA ASN A 306 -16.29 -30.22 8.94
C ASN A 306 -15.77 -28.86 9.13
C ASN A 306 -15.83 -28.78 8.95
N ALA A 307 -14.53 -28.52 8.82
CA ALA A 307 -14.01 -27.19 9.10
C ALA A 307 -13.40 -26.62 7.82
N ALA A 308 -13.69 -25.36 7.53
CA ALA A 308 -13.05 -24.62 6.42
C ALA A 308 -11.97 -23.71 7.01
N TYR A 309 -10.82 -23.70 6.39
CA TYR A 309 -9.74 -22.84 6.85
C TYR A 309 -9.47 -21.80 5.78
N SER A 310 -9.49 -20.54 6.22
CA SER A 310 -9.18 -19.39 5.37
C SER A 310 -7.78 -19.55 4.72
N PHE A 311 -7.72 -19.26 3.41
CA PHE A 311 -6.45 -19.45 2.68
C PHE A 311 -6.02 -18.10 2.19
N TYR A 312 -6.42 -17.65 1.00
CA TYR A 312 -6.06 -16.27 0.56
C TYR A 312 -7.31 -15.55 0.12
N ASN A 313 -7.45 -14.32 0.59
CA ASN A 313 -8.63 -13.52 0.27
C ASN A 313 -8.20 -12.07 -0.06
N VAL A 314 -8.67 -11.52 -1.18
CA VAL A 314 -8.25 -10.18 -1.55
C VAL A 314 -9.54 -9.46 -2.08
N THR A 315 -9.68 -8.21 -1.66
CA THR A 315 -10.78 -7.41 -2.25
C THR A 315 -10.29 -6.11 -2.81
N THR A 316 -10.82 -5.73 -3.96
CA THR A 316 -10.63 -4.32 -4.42
C THR A 316 -11.98 -3.66 -4.67
N THR A 317 -13.10 -4.38 -4.60
CA THR A 317 -14.43 -3.73 -4.80
C THR A 317 -15.33 -3.73 -3.61
N ALA A 318 -14.90 -4.30 -2.50
CA ALA A 318 -15.74 -4.31 -1.31
C ALA A 318 -14.79 -4.07 -0.14
N THR A 319 -15.32 -3.98 1.07
CA THR A 319 -14.46 -3.90 2.25
C THR A 319 -13.96 -5.31 2.59
N PHE A 320 -12.86 -5.36 3.31
CA PHE A 320 -12.40 -6.72 3.75
C PHE A 320 -13.43 -7.43 4.57
N LYS A 321 -14.12 -6.68 5.45
CA LYS A 321 -15.20 -7.27 6.19
C LYS A 321 -16.28 -7.84 5.34
N GLN A 322 -16.74 -7.12 4.33
CA GLN A 322 -17.77 -7.69 3.43
C GLN A 322 -17.21 -8.91 2.72
N LEU A 323 -15.94 -8.91 2.32
CA LEU A 323 -15.36 -10.08 1.66
C LEU A 323 -15.39 -11.27 2.60
N MET A 324 -14.91 -11.09 3.82
CA MET A 324 -14.87 -12.23 4.72
C MET A 324 -16.27 -12.71 5.15
N GLN A 325 -17.24 -11.80 5.22
CA GLN A 325 -18.61 -12.27 5.45
C GLN A 325 -19.11 -13.16 4.29
N ASP A 326 -18.74 -12.78 3.06
CA ASP A 326 -19.00 -13.68 1.94
C ASP A 326 -18.23 -15.00 2.03
N ALA A 327 -16.98 -14.99 2.55
CA ALA A 327 -16.26 -16.29 2.65
C ALA A 327 -17.00 -17.23 3.67
N ILE A 328 -17.46 -16.63 4.78
CA ILE A 328 -18.23 -17.44 5.82
C ILE A 328 -19.51 -17.97 5.17
N LEU A 329 -20.18 -17.15 4.36
CA LEU A 329 -21.40 -17.65 3.68
C LEU A 329 -21.13 -18.73 2.69
N LEU A 330 -20.03 -18.57 1.90
CA LEU A 330 -19.63 -19.64 0.94
C LEU A 330 -19.28 -20.93 1.67
N ALA A 331 -18.60 -20.84 2.81
CA ALA A 331 -18.29 -22.07 3.55
C ALA A 331 -19.60 -22.71 4.09
N LYS A 332 -20.52 -21.82 4.54
CA LYS A 332 -21.79 -22.37 5.04
C LYS A 332 -22.56 -23.07 3.90
N ARG A 333 -22.55 -22.49 2.69
CA ARG A 333 -23.26 -23.10 1.57
C ARG A 333 -22.62 -24.46 1.18
N ASN A 334 -21.35 -24.69 1.56
CA ASN A 334 -20.65 -25.94 1.26
C ASN A 334 -20.63 -26.87 2.47
N ASN A 335 -21.53 -26.65 3.42
N ASN A 335 -21.57 -26.67 3.39
CA ASN A 335 -21.79 -27.58 4.48
CA ASN A 335 -21.81 -27.50 4.55
C ASN A 335 -20.76 -27.58 5.62
C ASN A 335 -20.63 -27.66 5.47
N PHE A 336 -19.90 -26.56 5.66
CA PHE A 336 -18.91 -26.53 6.79
C PHE A 336 -19.55 -26.12 8.07
N ASP A 337 -18.98 -26.62 9.19
CA ASP A 337 -19.53 -26.41 10.51
C ASP A 337 -18.89 -25.19 11.17
N VAL A 338 -17.70 -24.80 10.67
CA VAL A 338 -16.95 -23.74 11.29
C VAL A 338 -16.00 -23.22 10.23
N PHE A 339 -15.69 -21.92 10.40
CA PHE A 339 -14.72 -21.23 9.51
C PHE A 339 -13.61 -20.74 10.40
N ASN A 340 -12.40 -21.21 10.12
CA ASN A 340 -11.23 -20.95 10.95
C ASN A 340 -10.26 -20.04 10.18
N ALA A 341 -9.57 -19.18 10.93
CA ALA A 341 -8.62 -18.25 10.29
C ALA A 341 -7.51 -17.92 11.25
N LEU A 342 -6.34 -17.61 10.70
CA LEU A 342 -5.22 -17.09 11.57
C LEU A 342 -5.19 -15.59 11.55
N GLU A 343 -4.63 -14.99 12.57
CA GLU A 343 -4.42 -13.53 12.59
C GLU A 343 -3.29 -13.05 11.69
N VAL A 344 -3.27 -13.47 10.40
CA VAL A 344 -2.29 -13.07 9.40
C VAL A 344 -2.96 -12.21 8.39
N MET A 345 -2.12 -11.58 7.56
CA MET A 345 -2.62 -10.64 6.56
C MET A 345 -3.64 -9.60 7.18
N GLN A 346 -4.80 -9.38 6.60
CA GLN A 346 -5.76 -8.41 7.20
C GLN A 346 -6.76 -9.07 8.10
N ASN A 347 -6.61 -10.36 8.43
CA ASN A 347 -7.71 -11.08 9.00
C ASN A 347 -8.14 -10.57 10.36
N LYS A 348 -7.19 -10.22 11.22
CA LYS A 348 -7.62 -9.85 12.58
CA LYS A 348 -7.57 -9.81 12.60
C LYS A 348 -8.55 -8.65 12.61
N SER A 349 -8.48 -7.79 11.56
CA SER A 349 -9.28 -6.59 11.53
C SER A 349 -10.76 -6.94 11.44
N VAL A 350 -11.17 -8.13 11.03
CA VAL A 350 -12.62 -8.42 10.91
C VAL A 350 -13.09 -9.38 11.98
N PHE A 351 -12.22 -9.88 12.89
CA PHE A 351 -12.63 -10.92 13.79
C PHE A 351 -13.73 -10.53 14.78
N GLU A 352 -13.60 -9.32 15.33
CA GLU A 352 -14.65 -8.88 16.28
CA GLU A 352 -14.63 -8.69 16.24
C GLU A 352 -15.98 -8.61 15.59
N ASP A 353 -15.98 -7.84 14.50
CA ASP A 353 -17.21 -7.58 13.79
C ASP A 353 -17.90 -8.80 13.23
N LEU A 354 -17.15 -9.82 12.78
CA LEU A 354 -17.77 -11.00 12.21
C LEU A 354 -17.97 -12.14 13.20
N LYS A 355 -17.83 -11.82 14.50
CA LYS A 355 -18.15 -12.75 15.63
CA LYS A 355 -18.23 -12.81 15.54
C LYS A 355 -17.27 -14.01 15.64
N PHE A 356 -15.99 -13.83 15.31
CA PHE A 356 -15.03 -14.93 15.55
C PHE A 356 -14.67 -15.01 17.05
N GLY A 357 -14.38 -16.19 17.53
CA GLY A 357 -13.87 -16.36 18.89
C GLY A 357 -12.38 -16.68 18.82
N GLU A 358 -11.63 -16.21 19.81
CA GLU A 358 -10.20 -16.57 19.94
C GLU A 358 -10.04 -18.02 20.32
N GLY A 359 -9.14 -18.77 19.67
CA GLY A 359 -8.96 -20.19 20.01
C GLY A 359 -7.93 -20.30 21.17
N ASP A 360 -7.53 -21.53 21.46
CA ASP A 360 -6.53 -21.71 22.48
CA ASP A 360 -6.52 -21.71 22.50
C ASP A 360 -5.09 -21.80 21.94
N GLY A 361 -4.90 -22.22 20.70
CA GLY A 361 -3.48 -22.26 20.29
C GLY A 361 -2.92 -20.98 19.67
N SER A 362 -1.62 -21.06 19.33
CA SER A 362 -1.17 -20.25 18.26
C SER A 362 -0.29 -21.10 17.35
N LEU A 363 -0.19 -20.66 16.09
CA LEU A 363 0.69 -21.34 15.14
C LEU A 363 1.93 -20.45 14.97
N LYS A 364 3.08 -21.13 15.17
CA LYS A 364 4.33 -20.38 15.06
C LYS A 364 4.93 -20.69 13.66
N TYR A 365 5.46 -19.66 13.02
CA TYR A 365 6.13 -19.77 11.69
C TYR A 365 7.64 -19.81 11.89
N TYR A 366 8.33 -20.70 11.17
CA TYR A 366 9.78 -20.87 11.33
C TYR A 366 10.44 -20.93 9.97
N LEU A 367 11.67 -20.45 10.01
CA LEU A 367 12.59 -20.68 8.87
C LEU A 367 13.78 -21.49 9.31
N TYR A 368 14.28 -22.33 8.41
CA TYR A 368 15.48 -23.09 8.68
C TYR A 368 16.63 -22.50 7.86
N ASN A 369 17.75 -22.26 8.61
CA ASN A 369 18.96 -21.68 8.02
C ASN A 369 18.76 -20.29 7.47
N TRP A 370 18.02 -19.50 8.27
CA TRP A 370 17.83 -18.07 7.87
C TRP A 370 17.74 -17.20 9.09
N LYS A 371 18.56 -16.12 9.14
CA LYS A 371 18.51 -15.20 10.26
C LYS A 371 17.91 -13.92 9.76
N CYS A 372 16.97 -13.40 10.57
CA CYS A 372 16.26 -12.20 10.20
C CYS A 372 15.47 -11.65 11.39
N ALA A 373 14.96 -10.44 11.25
CA ALA A 373 14.05 -9.90 12.29
C ALA A 373 12.72 -10.63 12.30
N SER A 374 12.18 -10.87 13.50
CA SER A 374 10.81 -11.32 13.61
C SER A 374 9.83 -10.18 13.46
N PHE A 375 8.58 -10.54 13.33
CA PHE A 375 7.56 -9.50 13.05
C PHE A 375 6.17 -10.01 13.42
N ALA A 376 5.26 -9.04 13.63
CA ALA A 376 3.91 -9.35 14.07
C ALA A 376 3.20 -10.12 12.93
N PRO A 377 2.16 -10.88 13.26
CA PRO A 377 1.55 -11.81 12.28
C PRO A 377 0.74 -11.10 11.22
N ALA A 378 0.33 -9.82 11.40
CA ALA A 378 -0.29 -9.15 10.23
C ALA A 378 0.67 -8.95 9.07
N HIS A 379 1.98 -9.10 9.32
CA HIS A 379 2.96 -8.96 8.22
C HIS A 379 3.31 -10.33 7.62
N VAL A 380 2.68 -11.40 8.09
CA VAL A 380 2.81 -12.70 7.43
C VAL A 380 1.78 -12.75 6.34
N GLY A 381 2.30 -13.15 5.17
CA GLY A 381 1.45 -13.27 3.95
C GLY A 381 1.46 -14.67 3.35
N ILE A 382 1.56 -15.73 4.16
CA ILE A 382 1.56 -17.13 3.72
C ILE A 382 0.77 -17.93 4.67
N VAL A 383 -0.05 -18.84 4.13
CA VAL A 383 -0.81 -19.86 4.88
C VAL A 383 -0.38 -21.23 4.44
N LEU A 384 0.25 -21.96 5.37
CA LEU A 384 0.67 -23.37 5.07
C LEU A 384 -0.54 -24.33 5.42
N LEU A 385 -0.50 -25.53 4.91
CA LEU A 385 -1.67 -26.43 4.99
C LEU A 385 -1.71 -27.10 6.35
N ILE B 1 -28.01 4.00 20.09
CA ILE B 1 -28.00 5.47 20.45
C ILE B 1 -28.29 6.34 19.17
N ASP B 2 -28.83 7.55 19.34
CA ASP B 2 -29.41 8.29 18.22
C ASP B 2 -28.44 9.26 17.48
N TYR B 3 -27.35 9.67 18.14
CA TYR B 3 -26.42 10.69 17.65
C TYR B 3 -27.07 11.86 16.93
N LYS B 4 -27.92 12.61 17.62
CA LYS B 4 -28.75 13.61 16.93
C LYS B 4 -27.94 14.81 16.39
N PHE B 5 -26.81 15.09 17.09
CA PHE B 5 -25.92 16.11 16.53
C PHE B 5 -25.06 15.50 15.43
N TRP B 6 -24.37 14.38 15.72
CA TRP B 6 -23.43 13.87 14.71
C TRP B 6 -24.06 13.54 13.36
N TYR B 7 -25.34 13.07 13.38
CA TYR B 7 -25.97 12.69 12.13
CA TYR B 7 -26.17 12.77 12.16
C TYR B 7 -26.22 13.92 11.22
N THR B 8 -26.15 15.19 11.76
CA THR B 8 -26.22 16.39 10.94
C THR B 8 -24.88 16.81 10.33
N GLN B 9 -23.82 16.06 10.67
CA GLN B 9 -22.50 16.46 10.23
C GLN B 9 -21.99 15.56 9.10
N PRO B 10 -20.98 16.06 8.36
CA PRO B 10 -20.39 15.24 7.29
C PRO B 10 -19.38 14.22 7.86
N VAL B 11 -19.93 13.21 8.46
CA VAL B 11 -19.16 12.09 9.02
C VAL B 11 -19.96 10.85 8.63
N PRO B 12 -19.36 9.69 8.66
CA PRO B 12 -20.11 8.50 8.33
C PRO B 12 -21.27 8.22 9.28
N LYS B 13 -22.33 7.64 8.73
CA LYS B 13 -23.30 6.99 9.60
C LYS B 13 -22.76 5.73 10.19
N ILE B 14 -23.38 5.30 11.30
CA ILE B 14 -22.86 4.18 12.08
C ILE B 14 -22.68 2.88 11.31
N ASN B 15 -23.56 2.66 10.32
CA ASN B 15 -23.43 1.47 9.52
C ASN B 15 -22.72 1.69 8.19
N ASP B 16 -22.17 2.89 7.94
CA ASP B 16 -21.53 3.12 6.64
C ASP B 16 -20.19 2.37 6.62
N GLU B 17 -19.85 1.80 5.46
CA GLU B 17 -18.53 1.33 5.23
C GLU B 17 -18.15 1.48 3.77
N PHE B 18 -16.96 1.95 3.59
CA PHE B 18 -16.43 2.32 2.30
C PHE B 18 -15.26 1.44 1.98
N ASN B 19 -15.15 1.07 0.71
CA ASN B 19 -13.98 0.31 0.29
C ASN B 19 -12.76 1.17 -0.01
N GLU B 20 -11.63 0.50 -0.30
CA GLU B 20 -10.40 1.27 -0.48
C GLU B 20 -10.39 2.09 -1.75
N SER B 21 -11.34 1.92 -2.67
CA SER B 21 -11.45 2.77 -3.90
C SER B 21 -12.07 4.20 -3.56
N VAL B 22 -12.53 4.36 -2.32
CA VAL B 22 -13.18 5.61 -1.92
C VAL B 22 -12.22 6.31 -0.91
N ASN B 23 -11.80 7.55 -1.26
CA ASN B 23 -10.90 8.27 -0.37
C ASN B 23 -11.03 9.74 -0.72
N GLU B 24 -12.07 10.36 -0.15
CA GLU B 24 -12.45 11.69 -0.62
C GLU B 24 -13.38 12.34 0.40
N PRO B 25 -13.69 13.65 0.25
CA PRO B 25 -14.60 14.30 1.16
C PRO B 25 -16.02 13.80 1.12
N PHE B 26 -16.80 13.98 2.21
CA PHE B 26 -18.27 13.91 2.07
C PHE B 26 -18.80 15.08 1.26
N ILE B 27 -18.30 16.26 1.52
CA ILE B 27 -18.76 17.52 0.86
C ILE B 27 -17.51 18.18 0.27
N SER B 28 -17.50 18.33 -1.07
CA SER B 28 -16.43 18.96 -1.80
C SER B 28 -16.85 20.33 -2.33
N ASP B 29 -15.90 21.00 -2.98
CA ASP B 29 -16.25 22.31 -3.66
C ASP B 29 -16.78 23.37 -2.64
N ASN B 30 -16.15 23.35 -1.48
CA ASN B 30 -16.52 24.27 -0.38
C ASN B 30 -15.93 25.63 -0.65
N LYS B 31 -16.64 26.69 -0.22
CA LYS B 31 -16.18 28.05 -0.55
C LYS B 31 -16.07 28.85 0.73
N VAL B 32 -14.89 29.42 1.03
CA VAL B 32 -14.76 30.33 2.17
C VAL B 32 -15.79 31.47 2.14
N GLU B 33 -16.16 31.95 0.94
CA GLU B 33 -17.07 33.09 0.87
C GLU B 33 -18.40 32.74 1.42
N ASP B 34 -18.77 31.45 1.43
CA ASP B 34 -20.09 31.08 1.94
C ASP B 34 -20.15 30.71 3.42
N VAL B 35 -18.97 30.66 4.09
CA VAL B 35 -18.95 30.19 5.53
C VAL B 35 -19.66 31.26 6.37
N ARG B 36 -20.41 30.84 7.40
CA ARG B 36 -21.06 31.82 8.34
C ARG B 36 -20.03 32.76 8.91
N LYS B 37 -20.33 34.09 8.84
CA LYS B 37 -19.34 35.03 9.36
C LYS B 37 -19.62 35.44 10.78
N ASP B 38 -20.72 34.99 11.36
CA ASP B 38 -21.16 35.31 12.68
C ASP B 38 -20.81 34.14 13.66
N GLU B 39 -20.33 34.43 14.87
CA GLU B 39 -20.24 33.39 15.91
C GLU B 39 -21.53 32.64 16.20
N TYR B 40 -21.48 31.37 16.48
CA TYR B 40 -22.59 30.60 16.98
C TYR B 40 -23.16 31.27 18.27
N LYS B 41 -24.48 31.17 18.46
CA LYS B 41 -25.11 31.70 19.68
CA LYS B 41 -25.05 31.72 19.69
C LYS B 41 -24.90 30.75 20.85
N LEU B 42 -24.56 31.35 22.02
CA LEU B 42 -24.44 30.65 23.29
C LEU B 42 -25.70 30.98 24.15
N PRO B 43 -25.96 30.14 25.15
CA PRO B 43 -27.09 30.48 26.06
C PRO B 43 -26.88 31.74 26.81
N PRO B 44 -27.96 32.34 27.36
CA PRO B 44 -27.77 33.66 27.95
C PRO B 44 -26.80 33.55 29.13
N GLY B 45 -25.97 34.56 29.21
CA GLY B 45 -25.00 34.64 30.31
C GLY B 45 -23.60 34.03 30.02
N TYR B 46 -23.46 33.46 28.83
CA TYR B 46 -22.16 32.85 28.39
C TYR B 46 -21.65 33.70 27.20
N SER B 47 -20.32 33.77 27.05
CA SER B 47 -19.71 34.52 25.96
CA SER B 47 -19.73 34.50 25.93
C SER B 47 -18.47 33.75 25.45
N TRP B 48 -18.22 33.92 24.19
CA TRP B 48 -16.96 33.36 23.65
C TRP B 48 -15.80 34.23 24.13
N TYR B 49 -14.64 33.59 24.31
CA TYR B 49 -13.48 34.32 24.82
C TYR B 49 -12.31 33.94 23.93
N VAL B 50 -11.53 34.96 23.58
CA VAL B 50 -10.30 34.71 22.78
C VAL B 50 -9.18 34.30 23.71
N CYS B 51 -8.89 32.98 23.78
CA CYS B 51 -7.78 32.59 24.67
C CYS B 51 -6.44 32.86 24.02
N ASP B 52 -5.59 33.64 24.69
CA ASP B 52 -4.28 33.83 24.17
C ASP B 52 -3.35 32.89 24.93
N VAL B 53 -3.03 31.73 24.31
CA VAL B 53 -2.27 30.72 25.11
CA VAL B 53 -2.24 30.71 24.97
C VAL B 53 -0.85 31.17 25.48
N LYS B 54 -0.31 32.16 24.78
CA LYS B 54 1.00 32.72 25.20
C LYS B 54 0.90 33.64 26.36
N ASP B 55 -0.30 34.03 26.77
CA ASP B 55 -0.47 34.88 27.90
C ASP B 55 -0.61 34.02 29.14
N GLU B 56 0.23 34.27 30.16
CA GLU B 56 0.19 33.43 31.33
C GLU B 56 -1.18 33.41 32.06
N LYS B 57 -1.87 34.55 32.14
CA LYS B 57 -3.16 34.48 32.85
C LYS B 57 -4.17 33.64 32.05
N ASP B 58 -4.23 33.85 30.73
CA ASP B 58 -5.24 33.04 29.96
C ASP B 58 -4.87 31.54 30.00
N ARG B 59 -3.58 31.24 29.89
CA ARG B 59 -3.17 29.84 29.96
C ARG B 59 -3.47 29.24 31.29
N SER B 60 -3.29 30.02 32.37
CA SER B 60 -3.64 29.53 33.69
CA SER B 60 -3.66 29.55 33.69
C SER B 60 -5.14 29.23 33.82
N GLU B 61 -5.99 30.03 33.17
CA GLU B 61 -7.44 29.75 33.14
CA GLU B 61 -7.42 29.71 33.21
C GLU B 61 -7.76 28.42 32.46
N ILE B 62 -7.09 28.19 31.30
CA ILE B 62 -7.30 26.93 30.57
C ILE B 62 -6.79 25.76 31.44
N TYR B 63 -5.59 25.92 31.99
CA TYR B 63 -5.12 24.94 32.93
C TYR B 63 -6.07 24.57 34.07
N THR B 64 -6.64 25.59 34.73
CA THR B 64 -7.57 25.32 35.83
C THR B 64 -8.83 24.60 35.36
N LEU B 65 -9.36 25.00 34.20
CA LEU B 65 -10.51 24.26 33.65
C LEU B 65 -10.24 22.79 33.41
N LEU B 66 -9.13 22.51 32.71
CA LEU B 66 -8.84 21.12 32.39
C LEU B 66 -8.44 20.30 33.66
N THR B 67 -7.65 20.94 34.58
CA THR B 67 -7.30 20.19 35.84
C THR B 67 -8.53 19.69 36.58
N ASP B 68 -9.56 20.56 36.61
CA ASP B 68 -10.75 20.25 37.36
C ASP B 68 -11.80 19.44 36.61
N ASN B 69 -11.79 19.48 35.24
CA ASN B 69 -12.93 19.02 34.47
C ASN B 69 -12.61 18.18 33.27
N TYR B 70 -11.33 17.85 33.04
CA TYR B 70 -11.03 17.04 31.82
C TYR B 70 -11.28 15.54 32.04
N VAL B 71 -10.77 14.73 31.11
CA VAL B 71 -11.10 13.31 30.99
C VAL B 71 -10.69 12.53 32.26
N GLU B 72 -11.60 11.69 32.75
CA GLU B 72 -11.34 10.71 33.83
C GLU B 72 -11.44 9.31 33.28
N ASP B 73 -10.76 8.36 33.92
CA ASP B 73 -10.93 6.96 33.39
C ASP B 73 -12.33 6.44 33.84
N ASP B 74 -12.74 5.29 33.26
CA ASP B 74 -14.13 4.79 33.41
C ASP B 74 -14.35 4.54 34.88
N ASP B 75 -13.25 4.27 35.56
CA ASP B 75 -13.36 3.90 36.97
C ASP B 75 -13.24 5.06 37.89
N ASN B 76 -13.07 6.30 37.39
CA ASN B 76 -12.81 7.49 38.25
C ASN B 76 -11.60 7.43 39.27
N ILE B 77 -10.59 6.63 38.95
CA ILE B 77 -9.29 6.65 39.68
C ILE B 77 -8.49 7.98 39.38
N PHE B 78 -8.58 8.39 38.13
CA PHE B 78 -7.59 9.37 37.67
C PHE B 78 -8.34 10.47 36.85
N ARG B 79 -7.73 11.64 36.81
CA ARG B 79 -8.09 12.66 35.79
C ARG B 79 -6.82 13.19 35.15
N PHE B 80 -6.84 13.28 33.84
CA PHE B 80 -5.65 13.84 33.15
C PHE B 80 -5.36 15.23 33.66
N ASN B 81 -4.06 15.53 33.80
CA ASN B 81 -3.60 16.81 34.33
C ASN B 81 -2.48 17.34 33.45
N TYR B 82 -2.83 17.69 32.18
CA TYR B 82 -1.85 18.35 31.31
C TYR B 82 -1.29 19.60 32.01
N SER B 83 0.02 19.77 31.94
CA SER B 83 0.61 20.94 32.59
C SER B 83 0.41 22.22 31.72
N ALA B 84 0.49 23.36 32.35
CA ALA B 84 0.38 24.62 31.60
C ALA B 84 1.50 24.73 30.55
N GLU B 85 2.72 24.24 30.83
CA GLU B 85 3.78 24.33 29.86
C GLU B 85 3.54 23.38 28.67
N PHE B 86 2.91 22.22 29.00
CA PHE B 86 2.54 21.29 27.95
C PHE B 86 1.50 21.92 27.04
N LEU B 87 0.49 22.57 27.64
CA LEU B 87 -0.54 23.26 26.80
C LEU B 87 0.08 24.28 25.83
N LEU B 88 1.06 25.03 26.32
CA LEU B 88 1.72 26.00 25.49
C LEU B 88 2.35 25.31 24.29
N TRP B 89 3.11 24.22 24.53
CA TRP B 89 3.78 23.51 23.44
C TRP B 89 2.74 22.87 22.47
N ALA B 90 1.67 22.30 23.02
CA ALA B 90 0.70 21.56 22.17
C ALA B 90 -0.06 22.48 21.23
N LEU B 91 -0.17 23.78 21.61
CA LEU B 91 -1.14 24.69 20.93
C LEU B 91 -0.44 25.74 20.14
N THR B 92 0.92 25.80 20.18
CA THR B 92 1.67 26.87 19.43
C THR B 92 2.66 26.32 18.43
N SER B 93 2.25 25.26 17.78
CA SER B 93 3.02 24.65 16.73
C SER B 93 3.10 25.57 15.49
N PRO B 94 3.94 25.24 14.54
CA PRO B 94 4.19 26.19 13.41
C PRO B 94 2.90 26.56 12.67
N ASN B 95 2.72 27.85 12.46
CA ASN B 95 1.54 28.39 11.67
C ASN B 95 0.20 28.22 12.43
N TYR B 96 0.27 28.08 13.78
CA TYR B 96 -0.99 27.96 14.54
C TYR B 96 -1.81 29.24 14.39
N LEU B 97 -3.09 29.04 14.54
CA LEU B 97 -4.06 30.17 14.51
C LEU B 97 -4.57 30.47 15.87
N LYS B 98 -4.43 31.75 16.26
CA LYS B 98 -4.93 32.17 17.55
C LYS B 98 -6.48 32.14 17.62
N THR B 99 -7.13 32.21 16.47
CA THR B 99 -8.59 32.03 16.38
C THR B 99 -9.12 30.62 16.68
N TRP B 100 -8.21 29.60 16.69
CA TRP B 100 -8.62 28.23 16.93
C TRP B 100 -8.36 27.83 18.34
N HIS B 101 -8.15 28.78 19.25
CA HIS B 101 -8.06 28.46 20.68
C HIS B 101 -9.25 29.16 21.36
N ILE B 102 -10.29 28.42 21.65
CA ILE B 102 -11.62 29.03 21.88
C ILE B 102 -12.05 28.73 23.31
N GLY B 103 -12.35 29.78 24.08
CA GLY B 103 -12.96 29.54 25.35
C GLY B 103 -14.41 30.05 25.44
N VAL B 104 -15.09 29.57 26.47
CA VAL B 104 -16.41 30.11 26.86
C VAL B 104 -16.38 30.50 28.30
N LYS B 105 -16.82 31.75 28.60
CA LYS B 105 -16.90 32.24 29.95
C LYS B 105 -18.33 32.37 30.38
N TYR B 106 -18.50 32.13 31.67
CA TYR B 106 -19.73 32.52 32.34
C TYR B 106 -19.55 33.96 32.77
N ASP B 107 -20.37 34.86 32.19
CA ASP B 107 -20.06 36.29 32.32
C ASP B 107 -20.16 36.78 33.78
N ALA B 108 -21.07 36.22 34.55
CA ALA B 108 -21.42 36.76 35.91
C ALA B 108 -20.24 36.55 36.82
N SER B 109 -19.41 35.54 36.56
CA SER B 109 -18.27 35.21 37.43
C SER B 109 -16.95 35.34 36.71
N ASN B 110 -16.99 35.64 35.40
CA ASN B 110 -15.83 35.82 34.57
C ASN B 110 -14.96 34.55 34.66
N LYS B 111 -15.63 33.39 34.76
CA LYS B 111 -14.90 32.11 34.92
C LYS B 111 -14.92 31.35 33.54
N LEU B 112 -13.80 30.73 33.21
CA LEU B 112 -13.78 29.85 31.99
C LEU B 112 -14.50 28.56 32.26
N ILE B 113 -15.55 28.26 31.49
CA ILE B 113 -16.35 27.08 31.67
C ILE B 113 -16.30 26.14 30.44
N GLY B 114 -15.58 26.53 29.37
CA GLY B 114 -15.57 25.60 28.22
C GLY B 114 -14.38 26.02 27.41
N PHE B 115 -13.89 25.01 26.68
CA PHE B 115 -12.71 25.21 25.80
C PHE B 115 -12.71 24.14 24.68
N ILE B 116 -12.20 24.59 23.54
CA ILE B 116 -11.85 23.70 22.44
C ILE B 116 -10.72 24.29 21.63
N SER B 117 -9.85 23.41 21.06
CA SER B 117 -8.73 23.94 20.30
C SER B 117 -8.44 23.12 19.10
N ALA B 118 -7.70 23.75 18.19
CA ALA B 118 -7.12 23.03 17.05
C ALA B 118 -5.82 23.64 16.63
N ILE B 119 -4.98 22.81 15.97
CA ILE B 119 -3.78 23.32 15.28
CA ILE B 119 -3.80 23.33 15.29
C ILE B 119 -3.79 22.74 13.86
N PRO B 120 -3.15 23.45 12.89
CA PRO B 120 -3.19 22.95 11.52
C PRO B 120 -2.03 21.97 11.23
N THR B 121 -2.32 20.97 10.43
CA THR B 121 -1.25 20.06 10.02
C THR B 121 -1.56 19.41 8.72
N ASP B 122 -0.57 18.93 7.98
CA ASP B 122 -0.86 18.14 6.76
C ASP B 122 -0.98 16.69 7.21
N ILE B 123 -2.07 16.05 6.81
CA ILE B 123 -2.34 14.65 7.13
C ILE B 123 -2.40 13.86 5.86
N CYS B 124 -1.68 12.73 5.79
CA CYS B 124 -1.76 11.77 4.65
C CYS B 124 -2.70 10.66 5.08
N ILE B 125 -3.81 10.52 4.34
CA ILE B 125 -4.82 9.46 4.55
C ILE B 125 -4.87 8.63 3.28
N HIS B 126 -4.53 7.34 3.45
CA HIS B 126 -4.48 6.47 2.25
C HIS B 126 -3.80 7.11 1.02
N LYS B 127 -2.62 7.68 1.30
CA LYS B 127 -1.73 8.25 0.24
C LYS B 127 -2.16 9.59 -0.31
N ARG B 128 -3.23 10.19 0.22
CA ARG B 128 -3.63 11.54 -0.20
C ARG B 128 -3.28 12.51 0.94
N THR B 129 -2.57 13.62 0.62
CA THR B 129 -2.16 14.56 1.68
C THR B 129 -3.13 15.73 1.67
N ILE B 130 -3.78 15.94 2.80
CA ILE B 130 -4.84 16.95 2.95
C ILE B 130 -4.46 17.88 4.09
N LYS B 131 -4.67 19.19 3.89
CA LYS B 131 -4.47 20.09 5.04
C LYS B 131 -5.64 19.93 6.03
N MET B 132 -5.35 19.68 7.31
CA MET B 132 -6.46 19.35 8.26
C MET B 132 -6.24 20.17 9.52
N ALA B 133 -7.29 20.30 10.31
CA ALA B 133 -7.14 20.77 11.69
C ALA B 133 -7.03 19.53 12.58
N GLU B 134 -6.18 19.57 13.59
CA GLU B 134 -6.17 18.51 14.63
C GLU B 134 -6.83 19.08 15.85
N VAL B 135 -7.93 18.51 16.25
CA VAL B 135 -8.78 19.13 17.33
C VAL B 135 -8.49 18.39 18.63
N ASN B 136 -8.39 19.14 19.73
CA ASN B 136 -8.03 18.55 21.05
C ASN B 136 -8.57 19.44 22.13
N PHE B 137 -8.62 18.87 23.33
CA PHE B 137 -8.89 19.66 24.56
C PHE B 137 -10.27 20.19 24.67
N LEU B 138 -11.23 19.52 24.03
CA LEU B 138 -12.66 19.91 24.24
C LEU B 138 -12.98 19.61 25.71
N CYS B 139 -13.62 20.59 26.39
CA CYS B 139 -13.96 20.39 27.80
C CYS B 139 -15.08 21.33 28.15
N VAL B 140 -16.05 20.79 28.82
CA VAL B 140 -17.14 21.64 29.45
C VAL B 140 -17.08 21.37 30.95
N HIS B 141 -17.27 22.43 31.73
CA HIS B 141 -17.30 22.32 33.20
C HIS B 141 -18.23 21.27 33.67
N LYS B 142 -17.85 20.55 34.72
CA LYS B 142 -18.65 19.42 35.20
C LYS B 142 -20.05 19.86 35.67
N THR B 143 -20.18 21.12 35.99
CA THR B 143 -21.50 21.62 36.46
C THR B 143 -22.50 21.89 35.34
N LEU B 144 -22.01 21.81 34.11
CA LEU B 144 -22.77 22.23 32.92
C LEU B 144 -22.83 21.16 31.90
N ARG B 145 -22.76 19.91 32.29
CA ARG B 145 -22.77 18.78 31.41
C ARG B 145 -24.18 18.49 30.91
N SER B 146 -24.24 17.84 29.76
CA SER B 146 -25.50 17.38 29.15
C SER B 146 -26.46 18.56 28.88
N LYS B 147 -25.93 19.74 28.56
CA LYS B 147 -26.72 20.90 28.14
C LYS B 147 -26.55 21.24 26.68
N ARG B 148 -25.97 20.30 25.89
CA ARG B 148 -25.73 20.58 24.47
C ARG B 148 -24.79 21.75 24.22
N LEU B 149 -23.84 22.04 25.13
CA LEU B 149 -22.83 23.02 24.84
C LEU B 149 -21.73 22.44 23.95
N ALA B 150 -21.40 21.17 24.08
CA ALA B 150 -20.30 20.64 23.21
C ALA B 150 -20.59 20.85 21.70
N PRO B 151 -21.80 20.59 21.18
CA PRO B 151 -22.03 20.82 19.72
C PRO B 151 -21.81 22.29 19.40
N VAL B 152 -22.12 23.26 20.29
CA VAL B 152 -21.85 24.66 19.93
C VAL B 152 -20.34 24.91 19.84
N LEU B 153 -19.54 24.37 20.76
CA LEU B 153 -18.07 24.45 20.59
CA LEU B 153 -18.08 24.47 20.57
C LEU B 153 -17.57 23.82 19.29
N ILE B 154 -18.10 22.65 18.96
CA ILE B 154 -17.63 21.98 17.76
C ILE B 154 -18.03 22.74 16.49
N LYS B 155 -19.27 23.26 16.50
CA LYS B 155 -19.68 24.01 15.26
C LYS B 155 -18.91 25.35 15.13
N GLU B 156 -18.64 25.97 16.30
CA GLU B 156 -17.89 27.24 16.20
C GLU B 156 -16.42 26.98 15.76
N ILE B 157 -15.75 25.95 16.30
CA ILE B 157 -14.40 25.77 15.80
C ILE B 157 -14.37 25.31 14.33
N THR B 158 -15.43 24.59 13.89
CA THR B 158 -15.50 24.19 12.46
C THR B 158 -15.59 25.42 11.59
N ARG B 159 -16.47 26.37 12.04
CA ARG B 159 -16.58 27.64 11.28
C ARG B 159 -15.24 28.38 11.19
N ARG B 160 -14.51 28.47 12.30
CA ARG B 160 -13.25 29.23 12.23
C ARG B 160 -12.18 28.46 11.46
N ILE B 161 -12.27 27.12 11.38
CA ILE B 161 -11.28 26.38 10.56
C ILE B 161 -11.66 26.49 9.08
N ASN B 162 -12.95 26.47 8.78
CA ASN B 162 -13.40 26.73 7.39
C ASN B 162 -13.02 28.10 6.84
N LEU B 163 -12.88 29.09 7.75
CA LEU B 163 -12.44 30.44 7.29
C LEU B 163 -10.96 30.44 6.85
N GLU B 164 -10.25 29.34 7.15
CA GLU B 164 -8.88 29.15 6.61
C GLU B 164 -8.86 28.27 5.39
N ASN B 165 -10.02 28.00 4.72
CA ASN B 165 -10.09 27.09 3.59
C ASN B 165 -9.64 25.70 3.94
N ILE B 166 -9.95 25.28 5.20
CA ILE B 166 -9.66 23.91 5.63
C ILE B 166 -10.97 23.27 5.93
N TRP B 167 -11.14 22.06 5.44
CA TRP B 167 -12.48 21.42 5.38
C TRP B 167 -12.51 20.01 5.98
N GLN B 168 -11.33 19.56 6.49
CA GLN B 168 -11.22 18.25 7.09
C GLN B 168 -10.54 18.43 8.47
N ALA B 169 -10.77 17.46 9.33
CA ALA B 169 -10.05 17.49 10.64
C ALA B 169 -9.83 16.06 11.08
N ILE B 170 -8.89 16.02 12.02
CA ILE B 170 -8.61 14.68 12.67
C ILE B 170 -8.76 14.87 14.18
N TYR B 171 -9.33 13.86 14.86
CA TYR B 171 -9.54 13.93 16.30
C TYR B 171 -9.61 12.57 16.87
N THR B 172 -9.35 12.44 18.17
CA THR B 172 -9.48 11.08 18.79
C THR B 172 -10.39 11.22 20.00
N ALA B 173 -10.94 10.12 20.44
CA ALA B 173 -11.77 10.15 21.66
C ALA B 173 -11.81 8.73 22.19
N GLY B 174 -11.97 8.62 23.53
CA GLY B 174 -12.32 7.30 24.10
C GLY B 174 -13.75 6.87 23.89
N VAL B 175 -14.66 7.78 23.64
CA VAL B 175 -16.05 7.43 23.40
C VAL B 175 -16.25 7.03 21.93
N TYR B 176 -17.24 6.18 21.68
CA TYR B 176 -17.59 5.79 20.35
C TYR B 176 -18.53 6.78 19.76
N LEU B 177 -18.13 7.29 18.59
CA LEU B 177 -18.93 8.29 17.80
C LEU B 177 -18.99 7.79 16.37
N PRO B 178 -19.89 8.35 15.55
CA PRO B 178 -19.84 8.07 14.15
C PRO B 178 -18.63 8.70 13.48
N LYS B 179 -17.70 7.94 12.86
CA LYS B 179 -17.53 6.48 12.98
C LYS B 179 -15.98 6.38 12.89
N PRO B 180 -15.36 5.58 13.75
CA PRO B 180 -13.90 5.53 13.73
C PRO B 180 -13.28 5.02 12.45
N VAL B 181 -12.17 5.65 12.02
CA VAL B 181 -11.38 5.06 10.94
CA VAL B 181 -11.38 5.09 10.93
C VAL B 181 -10.44 3.97 11.46
N SER B 182 -10.13 4.05 12.77
CA SER B 182 -9.35 2.95 13.45
C SER B 182 -9.58 3.10 14.95
N ASP B 183 -9.22 2.07 15.70
CA ASP B 183 -9.51 2.03 17.15
C ASP B 183 -8.33 1.28 17.76
N ALA B 184 -7.63 1.91 18.70
CA ALA B 184 -6.39 1.31 19.26
C ALA B 184 -6.49 1.25 20.77
N ARG B 185 -6.28 0.07 21.30
CA ARG B 185 -6.25 -0.01 22.76
C ARG B 185 -4.96 0.60 23.38
N TYR B 186 -5.10 1.09 24.60
CA TYR B 186 -3.87 1.47 25.35
CA TYR B 186 -4.07 1.50 25.53
C TYR B 186 -3.42 0.27 26.17
N TYR B 187 -2.07 0.22 26.24
CA TYR B 187 -1.35 -0.74 27.12
C TYR B 187 -0.38 0.06 27.97
N HIS B 188 -0.05 -0.51 29.15
CA HIS B 188 0.68 0.22 30.22
CA HIS B 188 0.70 0.23 30.19
C HIS B 188 1.85 -0.66 30.65
N ARG B 189 3.05 -0.11 30.76
CA ARG B 189 4.18 -0.89 31.33
C ARG B 189 4.53 -0.28 32.66
N SER B 190 4.31 -1.07 33.75
CA SER B 190 4.56 -0.54 35.10
C SER B 190 6.04 -0.24 35.29
N ILE B 191 6.36 0.90 35.85
CA ILE B 191 7.74 1.15 36.27
C ILE B 191 7.85 1.22 37.79
N ASN B 192 7.02 2.04 38.46
CA ASN B 192 6.99 2.09 39.94
CA ASN B 192 6.99 2.05 39.97
C ASN B 192 5.79 1.23 40.39
N VAL B 193 6.00 -0.08 40.51
CA VAL B 193 4.86 -0.99 40.58
C VAL B 193 4.17 -0.90 41.93
N LYS B 194 4.95 -0.63 42.99
CA LYS B 194 4.26 -0.55 44.31
C LYS B 194 3.27 0.65 44.36
N LYS B 195 3.67 1.78 43.78
CA LYS B 195 2.74 2.95 43.73
C LYS B 195 1.55 2.57 42.91
N LEU B 196 1.76 1.91 41.76
CA LEU B 196 0.57 1.59 40.94
C LEU B 196 -0.41 0.60 41.59
N ILE B 197 0.13 -0.33 42.39
CA ILE B 197 -0.75 -1.22 43.27
C ILE B 197 -1.46 -0.38 44.32
N GLU B 198 -0.73 0.46 45.00
CA GLU B 198 -1.32 1.25 46.13
C GLU B 198 -2.41 2.20 45.69
N ILE B 199 -2.27 2.68 44.45
CA ILE B 199 -3.35 3.60 43.92
C ILE B 199 -4.50 2.88 43.29
N GLY B 200 -4.51 1.54 43.42
N GLY B 200 -4.38 1.58 43.07
CA GLY B 200 -5.65 0.65 43.04
CA GLY B 200 -5.36 0.93 42.19
C GLY B 200 -5.72 0.17 41.60
C GLY B 200 -5.16 1.11 40.68
N PHE B 201 -4.74 0.58 40.82
N PHE B 201 -3.94 1.40 40.27
CA PHE B 201 -4.80 0.34 39.40
CA PHE B 201 -3.62 1.23 38.85
C PHE B 201 -4.21 -0.99 39.03
C PHE B 201 -3.43 -0.27 38.46
N SER B 202 -2.94 -1.17 39.39
CA SER B 202 -2.43 -2.57 39.22
C SER B 202 -2.81 -3.52 40.34
N SER B 203 -2.85 -4.82 40.07
CA SER B 203 -3.30 -5.71 41.11
C SER B 203 -2.29 -6.83 41.35
N LEU B 204 -2.45 -7.52 42.48
CA LEU B 204 -1.67 -8.67 42.98
C LEU B 204 -2.58 -9.88 43.21
N ASN B 205 -1.96 -11.06 43.35
CA ASN B 205 -2.66 -12.27 43.67
C ASN B 205 -1.76 -13.27 44.38
N SER B 206 -2.26 -14.45 44.73
CA SER B 206 -1.44 -15.35 45.54
C SER B 206 -0.12 -15.78 44.84
N ARG B 207 -0.17 -15.92 43.49
CA ARG B 207 1.06 -16.08 42.63
C ARG B 207 1.92 -14.83 42.62
N LEU B 208 1.30 -13.68 42.35
CA LEU B 208 2.04 -12.47 42.24
C LEU B 208 1.87 -11.68 43.50
N THR B 209 2.79 -11.92 44.43
CA THR B 209 2.93 -11.12 45.67
C THR B 209 3.58 -9.79 45.35
N MET B 210 3.64 -8.90 46.34
CA MET B 210 4.24 -7.58 46.14
C MET B 210 5.72 -7.71 45.71
N SER B 211 6.51 -8.55 46.43
CA SER B 211 7.91 -8.60 46.08
C SER B 211 8.09 -9.28 44.69
N ARG B 212 7.22 -10.23 44.30
CA ARG B 212 7.36 -10.88 42.99
CA ARG B 212 7.37 -10.88 42.99
C ARG B 212 6.98 -9.89 41.88
N ALA B 213 5.98 -9.03 42.18
CA ALA B 213 5.63 -7.98 41.13
C ALA B 213 6.79 -6.99 40.94
N ILE B 214 7.44 -6.58 42.00
CA ILE B 214 8.57 -5.64 41.91
C ILE B 214 9.62 -6.36 41.11
N LYS B 215 9.90 -7.62 41.36
CA LYS B 215 10.95 -8.28 40.59
C LYS B 215 10.56 -8.42 39.10
N LEU B 216 9.31 -8.72 38.86
CA LEU B 216 8.85 -8.93 37.47
C LEU B 216 9.10 -7.68 36.64
N TYR B 217 8.84 -6.51 37.20
CA TYR B 217 8.94 -5.23 36.41
C TYR B 217 10.31 -4.55 36.54
N ARG B 218 11.26 -5.14 37.30
CA ARG B 218 12.64 -4.58 37.40
CA ARG B 218 12.63 -4.57 37.40
C ARG B 218 13.30 -4.47 36.03
N VAL B 219 14.00 -3.37 35.85
CA VAL B 219 14.77 -3.24 34.60
C VAL B 219 16.24 -2.99 34.85
N GLU B 220 17.05 -3.45 33.88
CA GLU B 220 18.48 -3.21 33.96
C GLU B 220 18.74 -1.77 33.53
N ASP B 221 19.57 -1.06 34.30
CA ASP B 221 19.84 0.34 34.04
C ASP B 221 20.98 0.51 32.96
N THR B 222 20.89 -0.24 31.90
CA THR B 222 21.86 -0.06 30.77
C THR B 222 21.07 -0.10 29.47
N LEU B 223 21.34 0.88 28.67
CA LEU B 223 20.73 1.00 27.32
C LEU B 223 21.24 -0.12 26.34
N ASN B 224 20.33 -0.62 25.51
CA ASN B 224 20.70 -1.52 24.38
C ASN B 224 21.42 -0.74 23.30
N ILE B 225 21.01 0.50 23.13
CA ILE B 225 21.64 1.37 22.11
C ILE B 225 22.47 2.38 22.97
N LYS B 226 23.77 2.12 23.09
CA LYS B 226 24.56 2.83 24.11
C LYS B 226 24.62 4.31 23.94
N ASN B 227 24.62 4.81 22.70
CA ASN B 227 24.84 6.23 22.45
C ASN B 227 23.49 7.03 22.33
N MET B 228 22.36 6.43 22.72
CA MET B 228 21.09 7.15 22.69
CA MET B 228 21.07 7.25 22.74
C MET B 228 21.23 8.42 23.58
N ARG B 229 20.95 9.60 23.02
CA ARG B 229 21.19 10.84 23.71
C ARG B 229 20.09 11.87 23.44
N LEU B 230 19.92 12.85 24.30
CA LEU B 230 18.90 13.90 24.05
C LEU B 230 19.08 14.58 22.74
N MET B 231 18.01 14.75 21.99
CA MET B 231 18.10 15.40 20.72
C MET B 231 18.47 16.89 20.84
N LYS B 232 19.30 17.33 19.90
CA LYS B 232 19.65 18.76 19.83
C LYS B 232 19.23 19.32 18.52
N LYS B 233 19.29 20.67 18.44
CA LYS B 233 18.91 21.31 17.20
C LYS B 233 19.64 20.87 15.95
N LYS B 234 20.94 20.57 16.07
CA LYS B 234 21.65 19.99 14.96
C LYS B 234 21.12 18.69 14.40
N ASP B 235 20.25 18.02 15.18
CA ASP B 235 19.68 16.75 14.72
C ASP B 235 18.37 16.84 14.00
N VAL B 236 17.82 18.03 13.89
CA VAL B 236 16.50 18.20 13.21
C VAL B 236 16.45 17.65 11.83
N GLU B 237 17.44 17.96 10.98
CA GLU B 237 17.38 17.42 9.62
C GLU B 237 17.38 15.85 9.60
N GLY B 238 18.23 15.27 10.44
CA GLY B 238 18.31 13.83 10.39
C GLY B 238 17.09 13.11 11.02
N VAL B 239 16.48 13.77 12.02
CA VAL B 239 15.19 13.30 12.55
C VAL B 239 14.07 13.38 11.50
N HIS B 240 14.06 14.50 10.79
CA HIS B 240 13.10 14.71 9.70
C HIS B 240 13.22 13.64 8.68
N LYS B 241 14.46 13.28 8.31
CA LYS B 241 14.63 12.24 7.28
C LYS B 241 14.24 10.86 7.81
N LEU B 242 14.73 10.51 9.01
CA LEU B 242 14.43 9.19 9.56
C LEU B 242 12.91 8.96 9.77
N LEU B 243 12.28 9.98 10.39
CA LEU B 243 10.86 9.80 10.77
C LEU B 243 10.00 9.91 9.53
N GLY B 244 10.35 10.86 8.68
CA GLY B 244 9.55 11.07 7.46
C GLY B 244 9.52 9.84 6.57
N SER B 245 10.69 9.21 6.40
N SER B 245 10.69 9.20 6.39
CA SER B 245 10.78 7.98 5.70
CA SER B 245 10.75 7.97 5.67
C SER B 245 9.98 6.84 6.34
C SER B 245 9.96 6.84 6.33
N TYR B 246 10.11 6.66 7.64
CA TYR B 246 9.41 5.63 8.35
C TYR B 246 7.87 5.77 8.24
N LEU B 247 7.37 7.00 8.30
CA LEU B 247 5.92 7.13 8.43
C LEU B 247 5.17 6.84 7.11
N GLU B 248 5.91 6.84 5.97
CA GLU B 248 5.23 6.65 4.65
C GLU B 248 4.50 5.33 4.52
N GLN B 249 4.91 4.36 5.31
CA GLN B 249 4.24 3.09 5.27
C GLN B 249 2.86 3.03 5.80
N PHE B 250 2.45 4.04 6.58
CA PHE B 250 1.21 3.91 7.29
C PHE B 250 0.02 4.53 6.48
N ASN B 251 -1.18 4.09 6.84
CA ASN B 251 -2.38 4.54 6.09
C ASN B 251 -2.80 5.93 6.60
N LEU B 252 -2.29 6.39 7.76
CA LEU B 252 -2.73 7.70 8.35
C LEU B 252 -1.53 8.26 9.10
N TYR B 253 -1.01 9.45 8.68
CA TYR B 253 0.13 10.03 9.41
C TYR B 253 0.26 11.49 9.10
N ALA B 254 0.98 12.22 9.95
CA ALA B 254 1.22 13.64 9.66
C ALA B 254 2.41 13.73 8.79
N VAL B 255 2.37 14.71 7.85
CA VAL B 255 3.56 14.94 6.99
C VAL B 255 4.32 16.09 7.57
N PHE B 256 5.35 15.82 8.37
CA PHE B 256 6.01 16.92 9.10
C PHE B 256 6.98 17.67 8.21
N THR B 257 6.99 18.96 8.35
CA THR B 257 8.03 19.78 7.79
C THR B 257 9.19 19.87 8.76
N LYS B 258 10.32 20.43 8.33
CA LYS B 258 11.47 20.59 9.20
CA LYS B 258 11.47 20.55 9.26
C LYS B 258 11.11 21.41 10.44
N GLU B 259 10.34 22.50 10.22
CA GLU B 259 9.96 23.37 11.34
C GLU B 259 9.08 22.61 12.32
N GLU B 260 8.21 21.74 11.84
CA GLU B 260 7.37 20.98 12.70
C GLU B 260 8.21 19.93 13.47
N ILE B 261 9.24 19.31 12.86
CA ILE B 261 10.10 18.38 13.58
C ILE B 261 10.75 19.11 14.72
N ALA B 262 11.31 20.32 14.45
CA ALA B 262 11.95 21.04 15.56
C ALA B 262 10.93 21.35 16.69
N HIS B 263 9.68 21.76 16.31
CA HIS B 263 8.73 22.05 17.42
C HIS B 263 8.30 20.80 18.21
N TRP B 264 7.98 19.72 17.49
CA TRP B 264 7.33 18.62 18.18
C TRP B 264 8.34 17.69 18.84
N PHE B 265 9.63 17.77 18.46
CA PHE B 265 10.60 16.84 19.06
C PHE B 265 11.70 17.46 19.89
N LEU B 266 12.04 18.74 19.69
CA LEU B 266 13.17 19.21 20.54
C LEU B 266 12.77 19.15 21.98
N PRO B 267 13.63 18.67 22.90
CA PRO B 267 13.14 18.36 24.25
C PRO B 267 12.83 19.57 25.08
N ILE B 268 11.79 19.40 25.89
CA ILE B 268 11.36 20.40 26.88
C ILE B 268 11.10 19.61 28.12
N GLU B 269 11.81 19.91 29.23
CA GLU B 269 11.69 19.17 30.48
CA GLU B 269 11.70 19.11 30.45
C GLU B 269 10.23 19.14 30.93
N ASN B 270 9.79 17.96 31.39
CA ASN B 270 8.43 17.72 31.83
C ASN B 270 7.38 17.91 30.76
N VAL B 271 7.78 17.88 29.46
CA VAL B 271 6.79 18.01 28.41
C VAL B 271 7.10 16.95 27.35
N ILE B 272 8.26 17.07 26.65
CA ILE B 272 8.53 16.15 25.57
C ILE B 272 10.00 15.73 25.66
N TYR B 273 10.25 14.42 25.48
CA TYR B 273 11.62 13.85 25.55
C TYR B 273 11.87 13.16 24.27
N THR B 274 12.99 13.48 23.58
CA THR B 274 13.36 12.82 22.34
C THR B 274 14.81 12.51 22.44
N TYR B 275 15.13 11.25 22.17
CA TYR B 275 16.52 10.77 22.17
C TYR B 275 16.84 10.22 20.78
N VAL B 276 18.12 10.38 20.38
CA VAL B 276 18.57 9.95 19.06
C VAL B 276 19.85 9.14 19.18
N ASN B 277 20.07 8.26 18.20
CA ASN B 277 21.37 7.54 18.07
C ASN B 277 22.02 8.07 16.77
N GLU B 278 23.16 8.76 16.91
CA GLU B 278 23.91 9.34 15.74
C GLU B 278 25.08 8.40 15.44
N GLU B 279 25.14 7.84 14.23
CA GLU B 279 26.18 6.81 13.87
C GLU B 279 26.70 7.23 12.54
N ASN B 280 28.00 7.48 12.47
CA ASN B 280 28.67 7.79 11.18
C ASN B 280 27.99 8.97 10.48
N GLY B 281 27.75 10.02 11.26
CA GLY B 281 27.12 11.27 10.81
C GLY B 281 25.60 11.30 10.59
N LYS B 282 24.96 10.15 10.71
CA LYS B 282 23.53 10.08 10.38
C LYS B 282 22.68 9.71 11.68
N ILE B 283 21.47 10.26 11.80
CA ILE B 283 20.52 9.78 12.86
C ILE B 283 19.87 8.50 12.40
N LYS B 284 20.15 7.43 13.09
CA LYS B 284 19.73 6.07 12.69
C LYS B 284 18.62 5.53 13.56
N ASP B 285 18.44 6.10 14.79
CA ASP B 285 17.40 5.57 15.68
C ASP B 285 16.86 6.73 16.50
N MET B 286 15.57 6.71 16.83
CA MET B 286 14.98 7.78 17.72
C MET B 286 13.93 7.15 18.63
N ILE B 287 13.87 7.77 19.81
CA ILE B 287 12.84 7.43 20.85
C ILE B 287 12.22 8.76 21.23
N SER B 288 10.85 8.80 21.38
CA SER B 288 10.25 9.97 21.98
C SER B 288 9.04 9.59 22.79
N PHE B 289 8.84 10.38 23.85
CA PHE B 289 7.63 10.19 24.66
C PHE B 289 7.31 11.53 25.30
N TYR B 290 6.02 11.76 25.59
CA TYR B 290 5.61 12.99 26.23
C TYR B 290 5.14 12.73 27.64
N SER B 291 5.12 13.79 28.46
CA SER B 291 4.73 13.73 29.89
C SER B 291 3.26 14.15 30.03
N LEU B 292 2.47 13.26 30.60
CA LEU B 292 1.02 13.55 30.87
C LEU B 292 0.68 12.95 32.21
N PRO B 293 0.81 13.76 33.26
CA PRO B 293 0.46 13.30 34.56
C PRO B 293 -1.06 13.18 34.75
N SER B 294 -1.50 12.30 35.64
CA SER B 294 -2.95 12.28 36.07
C SER B 294 -2.97 12.66 37.51
N GLN B 295 -3.98 13.45 37.86
CA GLN B 295 -4.29 13.64 39.25
C GLN B 295 -4.98 12.34 39.75
N ILE B 296 -4.53 11.91 40.93
CA ILE B 296 -5.11 10.74 41.58
C ILE B 296 -6.21 11.22 42.56
N LEU B 297 -7.42 10.71 42.33
CA LEU B 297 -8.62 11.28 42.96
C LEU B 297 -8.82 10.57 44.31
N GLY B 298 -8.79 11.37 45.39
CA GLY B 298 -9.00 10.93 46.82
C GLY B 298 -8.06 9.78 47.24
N ASN B 299 -6.78 10.11 47.39
CA ASN B 299 -5.79 9.18 47.88
C ASN B 299 -4.93 9.98 48.81
N ASP B 300 -4.81 9.50 50.05
CA ASP B 300 -4.06 10.24 51.04
C ASP B 300 -2.58 10.36 50.77
N LYS B 301 -2.04 9.32 50.17
CA LYS B 301 -0.65 9.21 50.07
C LYS B 301 -0.12 9.95 48.81
N TYR B 302 -0.84 9.78 47.71
CA TYR B 302 -0.36 10.15 46.36
C TYR B 302 -1.32 11.07 45.69
N SER B 303 -0.82 12.20 45.21
CA SER B 303 -1.74 13.10 44.51
C SER B 303 -1.59 13.01 42.95
N THR B 304 -0.45 12.54 42.51
CA THR B 304 -0.11 12.61 41.09
C THR B 304 0.49 11.27 40.58
N LEU B 305 0.07 10.88 39.39
CA LEU B 305 0.73 9.72 38.67
C LEU B 305 1.52 10.36 37.61
N ASN B 306 2.83 10.11 37.60
CA ASN B 306 3.67 10.58 36.49
C ASN B 306 3.77 9.56 35.43
N ALA B 307 3.20 9.87 34.26
CA ALA B 307 3.18 8.93 33.16
C ALA B 307 3.81 9.46 31.90
N ALA B 308 4.56 8.57 31.26
CA ALA B 308 5.14 8.86 29.96
C ALA B 308 4.29 8.19 28.89
N TYR B 309 4.06 8.88 27.80
CA TYR B 309 3.29 8.30 26.67
C TYR B 309 4.14 8.24 25.45
N SER B 310 4.25 7.03 24.91
CA SER B 310 5.03 6.78 23.68
C SER B 310 4.53 7.74 22.55
N PHE B 311 5.50 8.30 21.86
CA PHE B 311 5.15 9.26 20.80
C PHE B 311 5.61 8.66 19.46
N TYR B 312 6.84 8.95 19.01
CA TYR B 312 7.35 8.29 17.82
C TYR B 312 8.67 7.61 18.08
N ASN B 313 8.78 6.37 17.60
CA ASN B 313 10.05 5.57 17.86
C ASN B 313 10.42 4.87 16.61
N VAL B 314 11.68 5.00 16.19
CA VAL B 314 12.13 4.37 14.95
C VAL B 314 13.46 3.72 15.16
N THR B 315 13.65 2.49 14.65
CA THR B 315 15.03 1.92 14.77
C THR B 315 15.50 1.40 13.46
N THR B 316 16.78 1.64 13.17
CA THR B 316 17.36 0.92 12.02
C THR B 316 18.57 0.13 12.46
N THR B 317 19.04 0.27 13.70
CA THR B 317 20.28 -0.49 14.10
C THR B 317 20.03 -1.48 15.24
N ALA B 318 18.79 -1.58 15.71
CA ALA B 318 18.46 -2.49 16.77
C ALA B 318 17.07 -3.04 16.42
N THR B 319 16.59 -3.98 17.25
CA THR B 319 15.26 -4.50 17.03
C THR B 319 14.26 -3.54 17.65
N PHE B 320 13.03 -3.56 17.15
CA PHE B 320 12.04 -2.60 17.76
C PHE B 320 11.88 -2.98 19.24
N LYS B 321 11.87 -4.26 19.67
CA LYS B 321 11.85 -4.58 21.09
CA LYS B 321 11.87 -4.62 21.09
C LYS B 321 13.02 -3.96 21.89
N GLN B 322 14.23 -4.03 21.36
CA GLN B 322 15.36 -3.37 22.08
C GLN B 322 15.17 -1.88 22.12
N LEU B 323 14.64 -1.28 21.07
CA LEU B 323 14.41 0.15 21.13
C LEU B 323 13.35 0.52 22.18
N MET B 324 12.24 -0.22 22.22
CA MET B 324 11.18 0.16 23.24
C MET B 324 11.62 -0.24 24.64
N GLN B 325 12.51 -1.24 24.84
CA GLN B 325 13.08 -1.48 26.15
C GLN B 325 13.91 -0.28 26.53
N ASP B 326 14.68 0.33 25.63
CA ASP B 326 15.38 1.60 25.96
C ASP B 326 14.45 2.74 26.26
N ALA B 327 13.32 2.78 25.55
CA ALA B 327 12.34 3.85 25.86
C ALA B 327 11.84 3.75 27.28
N ILE B 328 11.49 2.53 27.71
CA ILE B 328 11.04 2.34 29.14
C ILE B 328 12.14 2.76 30.09
N LEU B 329 13.42 2.38 29.78
CA LEU B 329 14.48 2.73 30.70
C LEU B 329 14.63 4.26 30.74
N LEU B 330 14.55 4.94 29.60
CA LEU B 330 14.75 6.41 29.61
C LEU B 330 13.57 7.03 30.35
N ALA B 331 12.34 6.50 30.23
CA ALA B 331 11.25 7.02 31.08
C ALA B 331 11.54 6.78 32.56
N LYS B 332 12.04 5.60 32.93
CA LYS B 332 12.36 5.34 34.33
C LYS B 332 13.39 6.28 34.85
N ARG B 333 14.40 6.57 34.04
CA ARG B 333 15.52 7.46 34.48
C ARG B 333 14.99 8.89 34.66
N ASN B 334 13.85 9.23 33.97
CA ASN B 334 13.21 10.55 34.13
C ASN B 334 12.08 10.59 35.14
N ASN B 335 12.04 9.62 36.03
CA ASN B 335 11.11 9.64 37.20
CA ASN B 335 11.14 9.54 37.20
C ASN B 335 9.67 9.30 36.86
N PHE B 336 9.41 8.72 35.68
CA PHE B 336 8.00 8.32 35.39
C PHE B 336 7.63 7.06 36.12
N ASP B 337 6.34 6.99 36.52
CA ASP B 337 5.80 5.78 37.19
C ASP B 337 5.36 4.67 36.28
N VAL B 338 5.01 4.99 35.03
CA VAL B 338 4.37 4.10 34.10
C VAL B 338 4.69 4.60 32.70
N PHE B 339 4.82 3.67 31.74
CA PHE B 339 5.03 4.04 30.34
C PHE B 339 3.85 3.49 29.59
N ASN B 340 3.12 4.40 28.94
CA ASN B 340 1.88 4.03 28.23
C ASN B 340 2.10 4.07 26.73
N ALA B 341 1.42 3.18 26.01
CA ALA B 341 1.55 3.21 24.51
C ALA B 341 0.21 2.71 23.94
N LEU B 342 -0.05 3.11 22.69
CA LEU B 342 -1.21 2.56 21.95
C LEU B 342 -0.70 1.47 21.10
N GLU B 343 -1.62 0.60 20.67
CA GLU B 343 -1.27 -0.50 19.67
C GLU B 343 -1.28 0.03 18.24
N VAL B 344 -0.57 1.16 18.02
CA VAL B 344 -0.40 1.73 16.72
C VAL B 344 1.06 1.49 16.23
N MET B 345 1.28 1.74 14.95
CA MET B 345 2.62 1.48 14.34
C MET B 345 3.11 0.08 14.71
N GLN B 346 4.39 -0.11 15.08
CA GLN B 346 4.87 -1.45 15.44
C GLN B 346 4.71 -1.76 16.93
N ASN B 347 3.97 -0.96 17.71
CA ASN B 347 4.03 -1.15 19.15
C ASN B 347 3.50 -2.48 19.64
N LYS B 348 2.40 -2.97 19.07
CA LYS B 348 1.79 -4.15 19.68
C LYS B 348 2.79 -5.32 19.67
N SER B 349 3.65 -5.37 18.69
CA SER B 349 4.60 -6.47 18.56
C SER B 349 5.53 -6.61 19.75
N VAL B 350 5.65 -5.60 20.59
CA VAL B 350 6.57 -5.68 21.77
C VAL B 350 5.85 -5.81 23.08
N PHE B 351 4.52 -5.69 23.12
CA PHE B 351 3.81 -5.56 24.43
C PHE B 351 3.98 -6.83 25.30
N GLU B 352 3.84 -8.01 24.70
CA GLU B 352 4.00 -9.22 25.52
C GLU B 352 5.40 -9.36 26.08
N ASP B 353 6.39 -9.30 25.21
CA ASP B 353 7.79 -9.52 25.61
C ASP B 353 8.22 -8.44 26.60
N LEU B 354 7.71 -7.21 26.50
CA LEU B 354 8.15 -6.20 27.45
C LEU B 354 7.24 -5.95 28.64
N LYS B 355 6.32 -6.91 28.88
CA LYS B 355 5.53 -6.96 30.11
CA LYS B 355 5.51 -6.97 30.10
C LYS B 355 4.60 -5.76 30.20
N PHE B 356 4.04 -5.31 29.04
CA PHE B 356 2.90 -4.41 29.15
C PHE B 356 1.59 -5.15 29.46
N GLY B 357 0.69 -4.42 30.14
CA GLY B 357 -0.63 -4.94 30.43
C GLY B 357 -1.65 -4.22 29.60
N GLU B 358 -2.67 -4.92 29.15
CA GLU B 358 -3.77 -4.29 28.40
C GLU B 358 -4.56 -3.40 29.29
N GLY B 359 -4.92 -2.22 28.79
CA GLY B 359 -5.71 -1.27 29.56
C GLY B 359 -7.23 -1.53 29.40
N ASP B 360 -8.03 -0.62 29.97
CA ASP B 360 -9.47 -0.79 29.97
C ASP B 360 -10.13 -0.20 28.77
N GLY B 361 -9.60 0.84 28.23
CA GLY B 361 -10.45 1.26 27.08
C GLY B 361 -9.71 1.23 25.78
N SER B 362 -10.27 1.95 24.82
CA SER B 362 -9.47 2.18 23.62
C SER B 362 -9.66 3.64 23.14
N LEU B 363 -8.73 4.07 22.33
CA LEU B 363 -8.76 5.36 21.69
C LEU B 363 -9.20 5.18 20.21
N LYS B 364 -10.26 5.87 19.87
CA LYS B 364 -10.82 5.85 18.51
C LYS B 364 -10.26 7.05 17.74
N TYR B 365 -9.87 6.75 16.50
CA TYR B 365 -9.40 7.79 15.55
C TYR B 365 -10.53 8.16 14.60
N TYR B 366 -10.73 9.47 14.42
CA TYR B 366 -11.82 9.95 13.56
C TYR B 366 -11.29 11.02 12.58
N LEU B 367 -11.95 11.06 11.42
CA LEU B 367 -11.80 12.16 10.51
C LEU B 367 -13.11 12.85 10.29
N TYR B 368 -13.06 14.14 10.11
CA TYR B 368 -14.27 14.97 9.80
C TYR B 368 -14.24 15.28 8.29
N ASN B 369 -15.44 15.09 7.69
CA ASN B 369 -15.63 15.30 6.26
C ASN B 369 -14.67 14.51 5.35
N TRP B 370 -14.55 13.22 5.68
CA TRP B 370 -13.72 12.37 4.84
C TRP B 370 -14.31 10.94 4.90
N LYS B 371 -14.49 10.41 3.70
CA LYS B 371 -14.98 9.04 3.56
CA LYS B 371 -15.03 9.13 3.37
C LYS B 371 -13.83 8.20 3.02
N CYS B 372 -13.63 7.07 3.74
CA CYS B 372 -12.50 6.15 3.39
C CYS B 372 -12.70 4.82 4.12
N ALA B 373 -11.91 3.83 3.65
CA ALA B 373 -11.92 2.58 4.34
C ALA B 373 -11.29 2.67 5.77
N SER B 374 -11.88 1.96 6.70
CA SER B 374 -11.23 1.83 8.05
C SER B 374 -10.12 0.78 7.97
N PHE B 375 -9.30 0.75 9.05
CA PHE B 375 -8.16 -0.17 9.04
C PHE B 375 -7.71 -0.45 10.44
N ALA B 376 -6.95 -1.53 10.59
CA ALA B 376 -6.45 -1.94 11.90
C ALA B 376 -5.43 -0.91 12.40
N PRO B 377 -5.28 -0.86 13.73
CA PRO B 377 -4.46 0.25 14.32
C PRO B 377 -2.97 0.13 14.08
N ALA B 378 -2.46 -1.02 13.66
CA ALA B 378 -1.03 -1.07 13.33
C ALA B 378 -0.75 -0.23 12.05
N HIS B 379 -1.80 0.10 11.24
CA HIS B 379 -1.62 0.91 10.07
C HIS B 379 -1.88 2.42 10.42
N VAL B 380 -2.12 2.71 11.72
CA VAL B 380 -2.15 4.13 12.16
C VAL B 380 -0.73 4.56 12.45
N GLY B 381 -0.31 5.70 11.86
CA GLY B 381 1.04 6.24 12.12
C GLY B 381 1.04 7.64 12.68
N ILE B 382 0.05 7.96 13.53
CA ILE B 382 0.01 9.26 14.16
C ILE B 382 -0.45 9.08 15.58
N VAL B 383 0.18 9.83 16.45
CA VAL B 383 -0.18 9.92 17.90
C VAL B 383 -0.56 11.33 18.22
N LEU B 384 -1.78 11.53 18.68
CA LEU B 384 -2.29 12.90 19.02
C LEU B 384 -2.05 13.05 20.54
N LEU B 385 -2.08 14.26 21.03
CA LEU B 385 -1.64 14.52 22.42
C LEU B 385 -2.77 14.20 23.43
N ASP C 2 19.08 -10.35 -27.56
CA ASP C 2 18.29 -9.70 -28.68
C ASP C 2 18.27 -8.11 -28.62
N TYR C 3 18.38 -7.54 -27.45
CA TYR C 3 18.34 -6.01 -27.21
C TYR C 3 19.58 -5.71 -26.33
N LYS C 4 20.73 -5.77 -26.96
CA LYS C 4 21.97 -5.68 -26.14
C LYS C 4 22.25 -4.31 -25.57
N PHE C 5 21.74 -3.25 -26.25
CA PHE C 5 21.89 -1.97 -25.58
C PHE C 5 20.83 -1.78 -24.43
N TRP C 6 19.57 -2.06 -24.78
CA TRP C 6 18.49 -1.87 -23.75
C TRP C 6 18.66 -2.69 -22.50
N TYR C 7 19.33 -3.87 -22.64
CA TYR C 7 19.70 -4.75 -21.53
CA TYR C 7 19.44 -4.68 -21.50
C TYR C 7 20.44 -4.09 -20.44
N THR C 8 21.32 -3.12 -20.77
N THR C 8 21.29 -3.14 -20.85
CA THR C 8 22.16 -2.46 -19.79
CA THR C 8 22.20 -2.45 -19.99
CA THR C 8 22.24 -2.39 -20.00
C THR C 8 21.48 -1.25 -19.14
C THR C 8 21.55 -1.21 -19.30
N GLN C 9 20.29 -0.93 -19.67
CA GLN C 9 19.60 0.33 -19.19
C GLN C 9 18.60 -0.04 -18.13
N PRO C 10 18.18 0.96 -17.36
CA PRO C 10 17.07 0.77 -16.34
C PRO C 10 15.74 0.80 -16.98
N VAL C 11 15.44 -0.25 -17.71
CA VAL C 11 14.11 -0.49 -18.34
C VAL C 11 13.77 -1.91 -18.12
N PRO C 12 12.52 -2.31 -18.34
CA PRO C 12 12.14 -3.74 -18.10
C PRO C 12 12.86 -4.63 -19.12
N LYS C 13 13.18 -5.83 -18.68
CA LYS C 13 13.58 -6.86 -19.59
C LYS C 13 12.38 -7.28 -20.41
N ILE C 14 12.61 -7.94 -21.53
CA ILE C 14 11.55 -8.12 -22.47
C ILE C 14 10.36 -9.02 -21.95
N ASN C 15 10.67 -9.89 -21.04
CA ASN C 15 9.62 -10.78 -20.47
C ASN C 15 9.12 -10.34 -19.12
N ASP C 16 9.47 -9.13 -18.68
CA ASP C 16 9.11 -8.71 -17.34
C ASP C 16 7.67 -8.31 -17.30
N GLU C 17 7.03 -8.63 -16.16
CA GLU C 17 5.65 -8.17 -15.85
C GLU C 17 5.69 -7.68 -14.42
N PHE C 18 5.06 -6.56 -14.14
CA PHE C 18 5.07 -6.03 -12.77
C PHE C 18 3.66 -5.98 -12.30
N ASN C 19 3.51 -6.26 -10.99
CA ASN C 19 2.16 -6.14 -10.42
C ASN C 19 1.68 -4.73 -10.16
N GLU C 20 0.35 -4.60 -10.09
CA GLU C 20 -0.28 -3.23 -9.91
C GLU C 20 0.24 -2.47 -8.78
N SER C 21 0.67 -3.10 -7.70
CA SER C 21 1.23 -2.41 -6.57
C SER C 21 2.66 -1.86 -6.78
N VAL C 22 3.31 -2.18 -7.89
CA VAL C 22 4.70 -1.70 -8.12
C VAL C 22 4.61 -0.42 -8.94
N ASN C 23 5.24 0.65 -8.40
CA ASN C 23 5.23 1.97 -9.12
C ASN C 23 6.35 2.78 -8.57
N GLU C 24 7.53 2.53 -9.17
CA GLU C 24 8.76 3.11 -8.59
C GLU C 24 9.93 3.00 -9.58
N PRO C 25 11.06 3.73 -9.33
CA PRO C 25 12.18 3.64 -10.23
C PRO C 25 12.83 2.28 -10.24
N PHE C 26 13.53 1.97 -11.32
CA PHE C 26 14.50 0.80 -11.19
C PHE C 26 15.65 1.18 -10.32
N ILE C 27 16.19 2.42 -10.47
CA ILE C 27 17.37 2.90 -9.72
C ILE C 27 16.96 4.20 -9.06
N SER C 28 17.04 4.23 -7.74
CA SER C 28 16.70 5.37 -6.92
CA SER C 28 16.73 5.42 -6.99
C SER C 28 17.97 5.94 -6.26
N ASP C 29 17.81 6.99 -5.51
CA ASP C 29 19.01 7.59 -4.78
C ASP C 29 20.13 8.09 -5.75
N ASN C 30 19.69 8.59 -6.89
CA ASN C 30 20.68 9.01 -7.88
C ASN C 30 21.25 10.40 -7.41
N LYS C 31 22.48 10.66 -7.84
CA LYS C 31 23.20 11.87 -7.44
C LYS C 31 23.74 12.63 -8.64
N VAL C 32 23.36 13.92 -8.77
CA VAL C 32 23.89 14.74 -9.85
C VAL C 32 25.42 14.86 -9.80
N GLU C 33 25.97 14.81 -8.57
CA GLU C 33 27.41 14.98 -8.41
C GLU C 33 28.16 13.82 -9.05
N ASP C 34 27.51 12.67 -9.24
CA ASP C 34 28.21 11.50 -9.76
C ASP C 34 28.02 11.30 -11.27
N VAL C 35 27.14 12.12 -11.88
CA VAL C 35 26.87 12.03 -13.35
C VAL C 35 28.15 12.33 -14.13
N ARG C 36 28.35 11.56 -15.18
CA ARG C 36 29.49 11.81 -16.08
C ARG C 36 29.49 13.25 -16.59
N LYS C 37 30.64 13.90 -16.52
CA LYS C 37 30.74 15.28 -16.95
C LYS C 37 31.22 15.40 -18.36
N ASP C 38 31.72 14.31 -18.94
CA ASP C 38 32.27 14.29 -20.34
C ASP C 38 31.19 13.83 -21.32
N GLU C 39 31.10 14.51 -22.47
CA GLU C 39 30.32 14.00 -23.63
C GLU C 39 30.75 12.61 -24.04
N TYR C 40 29.77 11.79 -24.40
CA TYR C 40 30.06 10.47 -24.98
C TYR C 40 30.87 10.61 -26.26
N LYS C 41 31.69 9.58 -26.49
CA LYS C 41 32.56 9.59 -27.65
CA LYS C 41 32.56 9.60 -27.66
C LYS C 41 31.78 9.22 -28.92
N LEU C 42 32.07 9.97 -30.01
CA LEU C 42 31.55 9.70 -31.42
C LEU C 42 32.69 9.14 -32.29
N PRO C 43 32.37 8.50 -33.38
CA PRO C 43 33.37 8.00 -34.32
C PRO C 43 34.13 9.10 -34.98
N PRO C 44 35.35 8.79 -35.47
CA PRO C 44 36.18 9.84 -36.08
C PRO C 44 35.44 10.56 -37.18
N GLY C 45 35.57 11.89 -37.07
CA GLY C 45 34.93 12.79 -38.00
C GLY C 45 33.54 13.25 -37.67
N TYR C 46 33.04 12.84 -36.51
CA TYR C 46 31.71 13.36 -36.13
C TYR C 46 31.83 14.10 -34.84
N SER C 47 30.99 15.13 -34.67
CA SER C 47 31.04 16.01 -33.51
CA SER C 47 31.04 15.97 -33.48
C SER C 47 29.66 16.35 -32.98
N TRP C 48 29.59 16.55 -31.69
CA TRP C 48 28.33 17.05 -31.07
C TRP C 48 28.13 18.50 -31.49
N TYR C 49 26.86 18.89 -31.62
CA TYR C 49 26.57 20.25 -32.02
C TYR C 49 25.44 20.78 -31.16
N VAL C 50 25.61 22.03 -30.71
CA VAL C 50 24.54 22.70 -29.92
C VAL C 50 23.53 23.30 -30.85
N CYS C 51 22.34 22.70 -30.92
CA CYS C 51 21.33 23.22 -31.89
C CYS C 51 20.55 24.34 -31.17
N ASP C 52 20.53 25.59 -31.70
CA ASP C 52 19.72 26.63 -31.15
C ASP C 52 18.45 26.71 -31.95
N VAL C 53 17.40 26.09 -31.44
N VAL C 53 17.39 26.14 -31.36
CA VAL C 53 16.21 25.97 -32.29
CA VAL C 53 16.10 25.98 -32.07
C VAL C 53 15.59 27.35 -32.55
C VAL C 53 15.39 27.32 -32.36
N LYS C 54 15.83 28.34 -31.66
CA LYS C 54 15.34 29.76 -31.93
C LYS C 54 16.12 30.43 -33.07
N ASP C 55 17.25 29.85 -33.50
CA ASP C 55 18.02 30.41 -34.58
C ASP C 55 17.45 29.81 -35.89
N GLU C 56 17.02 30.66 -36.83
CA GLU C 56 16.40 30.17 -38.05
C GLU C 56 17.31 29.19 -38.81
N LYS C 57 18.63 29.49 -38.91
CA LYS C 57 19.51 28.60 -39.65
C LYS C 57 19.62 27.20 -39.00
N ASP C 58 19.84 27.20 -37.69
CA ASP C 58 19.98 25.88 -37.01
C ASP C 58 18.66 25.17 -37.14
N ARG C 59 17.53 25.88 -36.98
CA ARG C 59 16.23 25.16 -37.07
C ARG C 59 16.00 24.61 -38.47
N SER C 60 16.43 25.33 -39.53
CA SER C 60 16.23 24.83 -40.86
CA SER C 60 16.28 24.83 -40.85
C SER C 60 17.10 23.54 -41.11
N GLU C 61 18.26 23.43 -40.44
CA GLU C 61 19.10 22.26 -40.62
C GLU C 61 18.46 21.02 -39.96
N ILE C 62 17.87 21.27 -38.77
CA ILE C 62 17.12 20.17 -38.11
C ILE C 62 15.98 19.74 -39.10
N TYR C 63 15.26 20.75 -39.56
CA TYR C 63 14.14 20.47 -40.50
C TYR C 63 14.60 19.62 -41.67
N THR C 64 15.73 19.98 -42.28
CA THR C 64 16.14 19.23 -43.46
C THR C 64 16.60 17.81 -43.10
N LEU C 65 17.29 17.65 -41.95
CA LEU C 65 17.61 16.30 -41.53
C LEU C 65 16.34 15.44 -41.38
N LEU C 66 15.35 15.94 -40.69
CA LEU C 66 14.17 15.10 -40.45
C LEU C 66 13.34 14.93 -41.75
N THR C 67 13.26 15.98 -42.58
CA THR C 67 12.51 15.85 -43.80
CA THR C 67 12.44 15.77 -43.77
C THR C 67 13.03 14.67 -44.63
N ASP C 68 14.38 14.54 -44.65
CA ASP C 68 14.99 13.55 -45.49
C ASP C 68 15.13 12.18 -44.80
N ASN C 69 15.13 12.13 -43.46
CA ASN C 69 15.60 10.88 -42.77
C ASN C 69 14.74 10.43 -41.66
N TYR C 70 13.61 11.09 -41.43
CA TYR C 70 12.79 10.64 -40.29
C TYR C 70 11.85 9.46 -40.60
N VAL C 71 10.84 9.22 -39.76
CA VAL C 71 10.02 7.98 -39.74
C VAL C 71 9.29 7.87 -41.09
N GLU C 72 9.36 6.68 -41.65
CA GLU C 72 8.55 6.31 -42.85
C GLU C 72 7.56 5.25 -42.46
N ASP C 73 6.48 5.14 -43.21
CA ASP C 73 5.55 4.01 -42.86
C ASP C 73 6.11 2.68 -43.27
N ASP C 74 5.54 1.62 -42.69
CA ASP C 74 6.05 0.27 -42.90
C ASP C 74 6.28 -0.16 -44.36
N ASP C 75 5.48 0.39 -45.30
CA ASP C 75 5.67 0.17 -46.75
C ASP C 75 6.37 1.27 -47.54
N ASN C 76 6.97 2.24 -46.83
CA ASN C 76 7.83 3.23 -47.52
C ASN C 76 7.24 4.13 -48.57
N ILE C 77 5.98 4.54 -48.32
CA ILE C 77 5.26 5.45 -49.19
C ILE C 77 5.11 6.90 -48.63
N PHE C 78 5.23 7.03 -47.33
CA PHE C 78 5.14 8.38 -46.71
C PHE C 78 6.28 8.52 -45.76
N ARG C 79 6.77 9.76 -45.63
CA ARG C 79 7.76 10.13 -44.56
C ARG C 79 7.19 11.34 -43.81
N PHE C 80 7.17 11.22 -42.49
CA PHE C 80 6.63 12.37 -41.65
C PHE C 80 7.47 13.60 -41.98
N ASN C 81 6.84 14.78 -42.01
CA ASN C 81 7.45 15.99 -42.46
C ASN C 81 7.02 17.11 -41.50
N TYR C 82 7.52 17.00 -40.25
CA TYR C 82 7.32 18.10 -39.30
C TYR C 82 7.86 19.41 -39.81
N SER C 83 7.06 20.49 -39.74
CA SER C 83 7.54 21.76 -40.24
C SER C 83 8.53 22.42 -39.33
N ALA C 84 9.27 23.41 -39.87
CA ALA C 84 10.19 24.13 -39.01
C ALA C 84 9.46 24.89 -37.93
N GLU C 85 8.32 25.48 -38.23
CA GLU C 85 7.55 26.21 -37.21
C GLU C 85 7.05 25.22 -36.13
N PHE C 86 6.70 24.01 -36.56
CA PHE C 86 6.22 23.00 -35.57
C PHE C 86 7.42 22.69 -34.68
N LEU C 87 8.64 22.45 -35.24
CA LEU C 87 9.75 22.16 -34.34
C LEU C 87 10.01 23.25 -33.32
N LEU C 88 9.87 24.49 -33.72
CA LEU C 88 10.04 25.58 -32.78
C LEU C 88 9.06 25.46 -31.67
N TRP C 89 7.78 25.19 -31.94
CA TRP C 89 6.80 25.07 -30.91
C TRP C 89 7.11 23.85 -30.03
N ALA C 90 7.43 22.72 -30.67
CA ALA C 90 7.55 21.41 -29.92
C ALA C 90 8.73 21.46 -28.93
N LEU C 91 9.73 22.31 -29.23
CA LEU C 91 10.98 22.20 -28.47
C LEU C 91 11.22 23.34 -27.55
N THR C 92 10.37 24.38 -27.54
CA THR C 92 10.61 25.58 -26.74
C THR C 92 9.49 25.82 -25.72
N SER C 93 8.99 24.74 -25.15
CA SER C 93 7.99 24.81 -24.16
C SER C 93 8.52 25.33 -22.82
N PRO C 94 7.65 25.66 -21.86
CA PRO C 94 8.14 26.39 -20.65
C PRO C 94 9.27 25.61 -19.95
N ASN C 95 10.31 26.39 -19.62
CA ASN C 95 11.47 25.88 -18.82
C ASN C 95 12.32 24.86 -19.64
N TYR C 96 12.17 24.90 -20.95
CA TYR C 96 12.99 24.04 -21.82
C TYR C 96 14.51 24.31 -21.58
N LEU C 97 15.26 23.26 -21.83
CA LEU C 97 16.77 23.34 -21.68
C LEU C 97 17.38 23.32 -23.06
N LYS C 98 18.19 24.36 -23.37
CA LYS C 98 18.96 24.38 -24.60
CA LYS C 98 18.95 24.38 -24.60
C LYS C 98 19.96 23.18 -24.75
N THR C 99 20.42 22.66 -23.63
CA THR C 99 21.30 21.49 -23.63
C THR C 99 20.65 20.20 -24.03
N TRP C 100 19.32 20.19 -24.17
CA TRP C 100 18.65 18.95 -24.52
C TRP C 100 18.20 18.98 -25.98
N HIS C 101 18.75 19.93 -26.76
CA HIS C 101 18.51 19.91 -28.23
C HIS C 101 19.82 19.59 -28.85
N ILE C 102 20.01 18.30 -29.16
CA ILE C 102 21.37 17.76 -29.46
C ILE C 102 21.50 17.33 -30.88
N GLY C 103 22.45 17.95 -31.57
CA GLY C 103 22.77 17.49 -32.95
C GLY C 103 24.14 16.79 -33.03
N VAL C 104 24.34 16.04 -34.10
CA VAL C 104 25.68 15.45 -34.44
C VAL C 104 25.94 15.89 -35.87
N LYS C 105 27.10 16.51 -36.10
CA LYS C 105 27.52 16.96 -37.42
C LYS C 105 28.59 16.03 -37.92
N TYR C 106 28.64 15.92 -39.25
CA TYR C 106 29.82 15.35 -39.95
CA TYR C 106 29.86 15.36 -39.86
C TYR C 106 30.80 16.43 -40.25
N ASP C 107 32.03 16.35 -39.69
CA ASP C 107 33.00 17.46 -39.87
C ASP C 107 33.40 17.68 -41.33
N ALA C 108 33.28 16.68 -42.20
CA ALA C 108 33.67 16.81 -43.64
C ALA C 108 32.72 17.71 -44.32
N SER C 109 31.45 17.77 -43.84
CA SER C 109 30.41 18.50 -44.63
C SER C 109 29.86 19.65 -43.80
N ASN C 110 30.12 19.72 -42.48
CA ASN C 110 29.46 20.70 -41.60
C ASN C 110 27.94 20.59 -41.61
N LYS C 111 27.41 19.39 -41.90
CA LYS C 111 25.97 19.19 -41.93
C LYS C 111 25.56 18.17 -40.85
N LEU C 112 24.33 18.37 -40.32
CA LEU C 112 23.78 17.39 -39.37
C LEU C 112 23.58 16.03 -39.94
N ILE C 113 23.93 15.00 -39.19
CA ILE C 113 23.62 13.64 -39.59
C ILE C 113 22.87 12.93 -38.48
N GLY C 114 22.63 13.64 -37.37
CA GLY C 114 21.95 13.05 -36.22
C GLY C 114 21.29 14.14 -35.36
N PHE C 115 20.26 13.72 -34.64
CA PHE C 115 19.53 14.61 -33.76
C PHE C 115 18.81 13.83 -32.66
N ILE C 116 18.67 14.42 -31.46
CA ILE C 116 17.72 13.86 -30.49
C ILE C 116 17.32 15.05 -29.64
N SER C 117 16.14 15.03 -29.03
CA SER C 117 15.69 16.18 -28.19
C SER C 117 14.85 15.70 -27.05
N ALA C 118 14.76 16.59 -26.05
CA ALA C 118 13.80 16.34 -24.96
C ALA C 118 13.34 17.69 -24.46
N ILE C 119 12.17 17.67 -23.80
CA ILE C 119 11.66 18.84 -23.05
C ILE C 119 11.19 18.33 -21.68
N PRO C 120 11.22 19.21 -20.65
CA PRO C 120 10.82 18.77 -19.33
C PRO C 120 9.33 18.88 -19.09
N THR C 121 8.78 17.92 -18.35
CA THR C 121 7.34 18.04 -17.95
C THR C 121 7.10 17.19 -16.70
N ASP C 122 6.09 17.50 -15.93
CA ASP C 122 5.70 16.65 -14.80
C ASP C 122 4.68 15.61 -15.31
N ILE C 123 4.93 14.36 -15.05
CA ILE C 123 4.16 13.25 -15.54
C ILE C 123 3.60 12.51 -14.34
N CYS C 124 2.29 12.30 -14.33
CA CYS C 124 1.67 11.45 -13.28
C CYS C 124 1.49 10.06 -13.81
N ILE C 125 2.13 9.06 -13.14
CA ILE C 125 2.04 7.68 -13.50
C ILE C 125 1.47 6.95 -12.31
N HIS C 126 0.30 6.36 -12.50
CA HIS C 126 -0.36 5.62 -11.36
C HIS C 126 -0.37 6.39 -10.07
N LYS C 127 -0.81 7.66 -10.19
CA LYS C 127 -0.98 8.59 -9.04
C LYS C 127 0.31 9.11 -8.39
N ARG C 128 1.48 8.89 -9.00
CA ARG C 128 2.71 9.55 -8.48
C ARG C 128 3.14 10.54 -9.59
N THR C 129 3.42 11.76 -9.14
CA THR C 129 3.82 12.81 -10.08
C THR C 129 5.36 12.95 -10.05
N ILE C 130 6.00 12.75 -11.21
CA ILE C 130 7.47 12.67 -11.35
C ILE C 130 7.91 13.66 -12.41
N LYS C 131 8.95 14.40 -12.10
CA LYS C 131 9.55 15.24 -13.18
C LYS C 131 10.27 14.37 -14.18
N MET C 132 9.87 14.53 -15.46
CA MET C 132 10.46 13.63 -16.50
C MET C 132 10.94 14.44 -17.72
N ALA C 133 11.78 13.83 -18.55
CA ALA C 133 12.04 14.37 -19.84
C ALA C 133 11.11 13.63 -20.83
N GLU C 134 10.57 14.38 -21.81
CA GLU C 134 9.83 13.79 -22.93
CA GLU C 134 9.81 13.82 -22.95
C GLU C 134 10.73 13.79 -24.13
N VAL C 135 11.13 12.59 -24.59
CA VAL C 135 12.13 12.49 -25.66
C VAL C 135 11.48 12.33 -26.99
N ASN C 136 12.03 13.07 -27.98
CA ASN C 136 11.42 12.99 -29.30
C ASN C 136 12.46 13.37 -30.37
N PHE C 137 12.11 13.03 -31.61
CA PHE C 137 12.87 13.44 -32.82
C PHE C 137 14.25 12.77 -32.94
N LEU C 138 14.44 11.63 -32.34
CA LEU C 138 15.67 10.80 -32.58
C LEU C 138 15.75 10.50 -34.04
N CYS C 139 16.90 10.83 -34.66
CA CYS C 139 17.02 10.58 -36.09
C CYS C 139 18.52 10.43 -36.41
N VAL C 140 18.87 9.37 -37.16
CA VAL C 140 20.21 9.18 -37.76
C VAL C 140 20.03 9.20 -39.25
N HIS C 141 20.94 9.88 -39.94
CA HIS C 141 20.91 9.89 -41.43
C HIS C 141 20.83 8.47 -42.04
N LYS C 142 20.04 8.37 -43.11
CA LYS C 142 19.84 7.07 -43.77
C LYS C 142 21.16 6.37 -44.17
N THR C 143 22.19 7.16 -44.47
CA THR C 143 23.47 6.54 -44.87
C THR C 143 24.29 5.99 -43.73
N LEU C 144 23.87 6.23 -42.49
CA LEU C 144 24.65 5.87 -41.27
C LEU C 144 23.88 4.93 -40.37
N ARG C 145 22.89 4.26 -40.90
CA ARG C 145 22.11 3.33 -40.13
C ARG C 145 22.83 2.04 -39.74
N SER C 146 22.44 1.48 -38.59
CA SER C 146 22.93 0.21 -38.09
C SER C 146 24.42 0.28 -37.74
N LYS C 147 24.87 1.41 -37.23
CA LYS C 147 26.25 1.60 -36.85
C LYS C 147 26.32 1.90 -35.36
N ARG C 148 25.21 1.62 -34.64
CA ARG C 148 25.14 1.87 -33.21
C ARG C 148 25.32 3.31 -32.86
N LEU C 149 24.92 4.26 -33.71
CA LEU C 149 24.94 5.65 -33.31
C LEU C 149 23.76 5.99 -32.41
N ALA C 150 22.60 5.30 -32.56
CA ALA C 150 21.43 5.70 -31.73
C ALA C 150 21.70 5.52 -30.22
N PRO C 151 22.34 4.48 -29.77
CA PRO C 151 22.70 4.39 -28.34
C PRO C 151 23.59 5.52 -27.89
N VAL C 152 24.47 6.01 -28.77
CA VAL C 152 25.32 7.13 -28.29
C VAL C 152 24.42 8.35 -28.06
N LEU C 153 23.49 8.62 -28.99
CA LEU C 153 22.56 9.78 -28.80
CA LEU C 153 22.56 9.78 -28.81
C LEU C 153 21.71 9.60 -27.58
N ILE C 154 21.25 8.38 -27.31
CA ILE C 154 20.40 8.17 -26.19
C ILE C 154 21.21 8.32 -24.86
N LYS C 155 22.40 7.75 -24.80
CA LYS C 155 23.25 7.90 -23.59
C LYS C 155 23.56 9.36 -23.34
N GLU C 156 23.88 10.07 -24.41
CA GLU C 156 24.30 11.47 -24.18
C GLU C 156 23.11 12.35 -23.71
N ILE C 157 21.90 12.19 -24.34
CA ILE C 157 20.78 12.96 -23.76
C ILE C 157 20.46 12.55 -22.33
N THR C 158 20.63 11.24 -22.04
CA THR C 158 20.40 10.80 -20.67
C THR C 158 21.31 11.54 -19.67
N ARG C 159 22.59 11.63 -20.04
CA ARG C 159 23.57 12.32 -19.20
C ARG C 159 23.14 13.76 -18.96
N ARG C 160 22.73 14.47 -20.01
CA ARG C 160 22.35 15.88 -19.87
C ARG C 160 21.06 16.11 -19.10
N ILE C 161 20.16 15.10 -19.18
CA ILE C 161 18.94 15.16 -18.40
C ILE C 161 19.27 14.91 -16.91
N ASN C 162 20.13 13.94 -16.65
CA ASN C 162 20.59 13.69 -15.26
C ASN C 162 21.27 14.85 -14.62
N LEU C 163 21.93 15.69 -15.43
CA LEU C 163 22.52 16.96 -14.87
C LEU C 163 21.51 17.97 -14.41
N GLU C 164 20.23 17.75 -14.73
CA GLU C 164 19.12 18.53 -14.19
C GLU C 164 18.41 17.82 -13.05
N ASN C 165 19.02 16.76 -12.50
CA ASN C 165 18.38 16.03 -11.40
C ASN C 165 17.04 15.43 -11.81
N ILE C 166 17.00 14.96 -13.06
CA ILE C 166 15.80 14.27 -13.63
C ILE C 166 16.30 12.90 -14.06
N TRP C 167 15.58 11.86 -13.63
CA TRP C 167 16.05 10.49 -13.72
C TRP C 167 15.01 9.57 -14.37
N GLN C 168 13.90 10.10 -14.88
CA GLN C 168 12.92 9.34 -15.63
C GLN C 168 12.67 10.08 -16.97
N ALA C 169 12.16 9.35 -17.93
CA ALA C 169 11.67 9.92 -19.19
C ALA C 169 10.50 9.15 -19.74
N ILE C 170 9.81 9.80 -20.65
CA ILE C 170 8.68 9.19 -21.39
C ILE C 170 8.97 9.34 -22.86
N TYR C 171 8.69 8.32 -23.63
CA TYR C 171 8.91 8.34 -25.08
C TYR C 171 7.95 7.37 -25.75
N THR C 172 7.72 7.56 -27.04
CA THR C 172 6.84 6.67 -27.80
C THR C 172 7.62 6.16 -28.98
N ALA C 173 7.22 5.05 -29.53
CA ALA C 173 7.76 4.60 -30.83
C ALA C 173 6.81 3.62 -31.46
N GLY C 174 6.84 3.49 -32.77
CA GLY C 174 6.06 2.43 -33.49
C GLY C 174 6.79 1.13 -33.44
N VAL C 175 8.06 1.08 -33.07
CA VAL C 175 8.73 -0.25 -32.95
C VAL C 175 8.54 -0.79 -31.52
N TYR C 176 8.63 -2.13 -31.40
CA TYR C 176 8.51 -2.81 -30.12
C TYR C 176 9.91 -2.94 -29.49
N LEU C 177 10.06 -2.39 -28.32
CA LEU C 177 11.35 -2.32 -27.57
C LEU C 177 11.04 -2.76 -26.16
N PRO C 178 12.08 -3.01 -25.35
CA PRO C 178 11.75 -3.30 -23.94
C PRO C 178 11.44 -2.06 -23.13
N LYS C 179 10.25 -1.97 -22.51
CA LYS C 179 9.05 -2.80 -22.76
C LYS C 179 7.88 -1.79 -22.58
N PRO C 180 6.86 -1.87 -23.45
CA PRO C 180 5.81 -0.84 -23.33
C PRO C 180 5.03 -0.87 -22.06
N VAL C 181 4.69 0.32 -21.57
CA VAL C 181 3.65 0.46 -20.54
CA VAL C 181 3.70 0.49 -20.53
C VAL C 181 2.26 0.47 -21.11
N SER C 182 2.12 0.85 -22.37
CA SER C 182 0.85 0.71 -23.05
C SER C 182 1.11 0.71 -24.52
N ASP C 183 0.10 0.30 -25.26
CA ASP C 183 0.16 0.20 -26.71
C ASP C 183 -1.16 0.69 -27.27
N ALA C 184 -1.11 1.65 -28.22
CA ALA C 184 -2.34 2.21 -28.80
C ALA C 184 -2.32 2.08 -30.32
N ARG C 185 -3.31 1.38 -30.84
CA ARG C 185 -3.54 1.41 -32.27
C ARG C 185 -3.86 2.79 -32.80
N TYR C 186 -3.44 3.00 -34.04
CA TYR C 186 -3.77 4.19 -34.86
C TYR C 186 -5.07 4.03 -35.63
N TYR C 187 -5.84 5.10 -35.69
CA TYR C 187 -7.05 5.09 -36.51
C TYR C 187 -7.06 6.37 -37.36
N HIS C 188 -7.73 6.34 -38.51
CA HIS C 188 -7.77 7.51 -39.39
CA HIS C 188 -7.70 7.41 -39.50
C HIS C 188 -9.15 7.68 -39.96
N ARG C 189 -9.60 8.95 -39.95
N ARG C 189 -9.53 8.95 -40.07
CA ARG C 189 -10.85 9.42 -40.71
CA ARG C 189 -10.83 9.28 -40.70
C ARG C 189 -10.45 10.11 -41.96
C ARG C 189 -10.52 10.10 -41.92
N SER C 190 -10.80 9.53 -43.12
CA SER C 190 -10.44 10.16 -44.38
C SER C 190 -11.35 11.39 -44.64
N ILE C 191 -10.75 12.48 -45.08
CA ILE C 191 -11.50 13.67 -45.42
C ILE C 191 -11.42 13.92 -46.95
N ASN C 192 -10.23 14.08 -47.52
CA ASN C 192 -10.05 14.31 -48.95
CA ASN C 192 -10.09 14.31 -48.99
C ASN C 192 -9.91 12.93 -49.58
N VAL C 193 -11.07 12.25 -49.71
CA VAL C 193 -11.13 10.83 -50.02
C VAL C 193 -10.47 10.58 -51.39
N LYS C 194 -10.76 11.41 -52.37
CA LYS C 194 -10.24 11.20 -53.76
C LYS C 194 -8.67 11.10 -53.71
N LYS C 195 -8.08 12.13 -53.10
CA LYS C 195 -6.57 12.13 -52.93
C LYS C 195 -6.03 10.88 -52.18
N LEU C 196 -6.63 10.54 -51.07
CA LEU C 196 -6.26 9.36 -50.29
C LEU C 196 -6.29 8.04 -51.08
N ILE C 197 -7.30 7.89 -51.94
CA ILE C 197 -7.44 6.67 -52.79
C ILE C 197 -6.19 6.67 -53.67
N GLU C 198 -5.96 7.80 -54.35
CA GLU C 198 -4.94 7.86 -55.36
C GLU C 198 -3.55 7.51 -54.79
N ILE C 199 -3.22 8.06 -53.62
CA ILE C 199 -1.88 7.80 -53.07
C ILE C 199 -1.71 6.43 -52.37
N GLY C 200 -2.78 5.66 -52.23
CA GLY C 200 -2.70 4.31 -51.64
C GLY C 200 -2.53 4.37 -50.13
N PHE C 201 -3.04 5.48 -49.55
CA PHE C 201 -3.24 5.59 -48.12
C PHE C 201 -4.17 4.50 -47.61
N LEU C 216 -17.94 8.28 -47.14
CA LEU C 216 -16.94 9.11 -46.41
C LEU C 216 -16.89 10.53 -46.86
N TYR C 217 -17.33 10.76 -48.11
CA TYR C 217 -17.17 12.07 -48.78
C TYR C 217 -18.13 13.11 -48.18
N ARG C 218 -19.25 12.68 -47.60
CA ARG C 218 -20.25 13.66 -47.16
C ARG C 218 -20.13 13.96 -45.66
N VAL C 219 -19.74 15.19 -45.40
CA VAL C 219 -19.74 15.68 -44.05
C VAL C 219 -20.54 16.94 -44.05
N GLU C 220 -21.46 17.01 -43.09
CA GLU C 220 -22.27 18.25 -43.02
C GLU C 220 -21.46 19.38 -42.46
N ASP C 221 -21.48 20.52 -43.12
CA ASP C 221 -20.66 21.65 -42.72
C ASP C 221 -21.32 22.49 -41.61
N THR C 222 -21.86 21.85 -40.61
CA THR C 222 -22.45 22.52 -39.43
C THR C 222 -22.01 21.85 -38.13
N LEU C 223 -21.53 22.64 -37.19
CA LEU C 223 -21.06 22.16 -35.90
C LEU C 223 -22.21 21.69 -35.02
N ASN C 224 -21.98 20.59 -34.32
CA ASN C 224 -22.90 20.21 -33.24
C ASN C 224 -22.91 21.16 -32.08
N ILE C 225 -21.77 21.77 -31.81
CA ILE C 225 -21.59 22.65 -30.71
C ILE C 225 -21.36 24.00 -31.40
N LYS C 226 -22.47 24.80 -31.53
CA LYS C 226 -22.41 25.91 -32.49
C LYS C 226 -21.39 26.94 -32.20
N ASN C 227 -21.07 27.19 -30.91
CA ASN C 227 -20.20 28.28 -30.53
C ASN C 227 -18.73 27.90 -30.37
N MET C 228 -18.36 26.69 -30.82
CA MET C 228 -16.99 26.27 -30.77
CA MET C 228 -16.90 26.30 -30.84
C MET C 228 -16.12 27.27 -31.59
N ARG C 229 -15.09 27.87 -30.98
CA ARG C 229 -14.32 28.91 -31.61
C ARG C 229 -12.84 28.81 -31.24
N LEU C 230 -11.98 29.44 -32.03
CA LEU C 230 -10.54 29.41 -31.70
C LEU C 230 -10.23 29.94 -30.30
N MET C 231 -9.35 29.22 -29.57
CA MET C 231 -8.95 29.63 -28.27
C MET C 231 -8.15 30.93 -28.29
N LYS C 232 -8.45 31.76 -27.30
CA LYS C 232 -7.70 33.02 -27.10
C LYS C 232 -7.00 33.06 -25.79
N LYS C 233 -6.06 34.01 -25.63
CA LYS C 233 -5.36 34.09 -24.35
CA LYS C 233 -5.35 34.09 -24.34
C LYS C 233 -6.25 34.13 -23.10
N LYS C 234 -7.35 34.88 -23.21
CA LYS C 234 -8.27 34.97 -22.09
C LYS C 234 -8.87 33.61 -21.64
N ASP C 235 -8.77 32.60 -22.54
CA ASP C 235 -9.33 31.26 -22.28
C ASP C 235 -8.34 30.32 -21.52
N VAL C 236 -7.14 30.76 -21.24
CA VAL C 236 -6.08 29.84 -20.69
C VAL C 236 -6.50 29.27 -19.34
N GLU C 237 -7.04 30.16 -18.45
CA GLU C 237 -7.43 29.66 -17.13
CA GLU C 237 -7.48 29.70 -17.12
C GLU C 237 -8.53 28.65 -17.24
N GLY C 238 -9.54 28.92 -18.10
CA GLY C 238 -10.62 27.99 -18.22
C GLY C 238 -10.21 26.64 -18.86
N VAL C 239 -9.30 26.70 -19.85
CA VAL C 239 -8.85 25.41 -20.45
C VAL C 239 -8.01 24.66 -19.39
N HIS C 240 -7.19 25.41 -18.62
CA HIS C 240 -6.41 24.74 -17.56
C HIS C 240 -7.31 23.96 -16.58
N LYS C 241 -8.39 24.60 -16.10
CA LYS C 241 -9.28 23.94 -15.18
CA LYS C 241 -9.32 23.93 -15.19
C LYS C 241 -10.01 22.75 -15.86
N LEU C 242 -10.53 22.97 -17.10
CA LEU C 242 -11.27 21.88 -17.80
C LEU C 242 -10.36 20.65 -18.07
N LEU C 243 -9.23 20.91 -18.67
CA LEU C 243 -8.35 19.80 -19.04
C LEU C 243 -7.68 19.23 -17.79
N GLY C 244 -7.25 20.09 -16.85
CA GLY C 244 -6.55 19.56 -15.68
C GLY C 244 -7.47 18.60 -14.95
N SER C 245 -8.71 18.99 -14.71
CA SER C 245 -9.64 18.07 -14.05
CA SER C 245 -9.65 18.07 -14.04
C SER C 245 -9.91 16.80 -14.81
N TYR C 246 -10.08 16.89 -16.14
CA TYR C 246 -10.35 15.77 -16.95
C TYR C 246 -9.20 14.71 -16.89
N LEU C 247 -7.95 15.18 -16.89
CA LEU C 247 -6.85 14.18 -17.10
C LEU C 247 -6.62 13.34 -15.80
N GLU C 248 -7.14 13.82 -14.66
CA GLU C 248 -6.81 13.13 -13.36
C GLU C 248 -7.38 11.70 -13.35
N GLN C 249 -8.33 11.35 -14.23
CA GLN C 249 -8.87 10.06 -14.25
C GLN C 249 -7.92 8.97 -14.81
N PHE C 250 -6.85 9.42 -15.50
CA PHE C 250 -6.03 8.49 -16.33
C PHE C 250 -4.84 7.98 -15.54
N ASN C 251 -4.30 6.87 -16.03
CA ASN C 251 -3.14 6.29 -15.27
CA ASN C 251 -3.14 6.21 -15.36
C ASN C 251 -1.82 6.94 -15.73
N LEU C 252 -1.80 7.70 -16.81
CA LEU C 252 -0.54 8.31 -17.28
C LEU C 252 -0.97 9.64 -17.92
N TYR C 253 -0.47 10.75 -17.43
CA TYR C 253 -0.82 12.05 -18.06
C TYR C 253 0.16 13.09 -17.63
N ALA C 254 0.24 14.19 -18.39
CA ALA C 254 1.03 15.33 -18.03
C ALA C 254 0.25 16.20 -17.12
N VAL C 255 0.95 16.69 -16.10
CA VAL C 255 0.35 17.62 -15.11
C VAL C 255 0.62 19.04 -15.60
N PHE C 256 -0.25 19.65 -16.36
CA PHE C 256 0.07 20.93 -16.98
C PHE C 256 -0.07 22.14 -15.99
N THR C 257 0.89 23.04 -16.06
CA THR C 257 0.72 24.33 -15.38
C THR C 257 0.00 25.28 -16.33
N LYS C 258 -0.41 26.45 -15.83
CA LYS C 258 -1.09 27.43 -16.65
C LYS C 258 -0.19 27.91 -17.81
N GLU C 259 1.10 28.10 -17.52
CA GLU C 259 2.12 28.51 -18.54
CA GLU C 259 2.03 28.54 -18.56
C GLU C 259 2.18 27.42 -19.65
N GLU C 260 2.08 26.14 -19.25
CA GLU C 260 2.17 25.08 -20.23
C GLU C 260 0.86 24.99 -21.02
N ILE C 261 -0.28 25.26 -20.39
CA ILE C 261 -1.55 25.29 -21.21
C ILE C 261 -1.42 26.36 -22.28
N ALA C 262 -0.93 27.58 -21.94
CA ALA C 262 -0.81 28.61 -22.93
C ALA C 262 0.11 28.20 -24.08
N HIS C 263 1.23 27.55 -23.73
CA HIS C 263 2.16 27.19 -24.81
C HIS C 263 1.54 26.05 -25.69
N TRP C 264 1.00 24.99 -25.05
CA TRP C 264 0.60 23.84 -25.82
C TRP C 264 -0.74 23.96 -26.56
N PHE C 265 -1.54 24.97 -26.15
CA PHE C 265 -2.84 25.10 -26.79
C PHE C 265 -3.13 26.36 -27.54
N LEU C 266 -2.48 27.47 -27.22
CA LEU C 266 -2.89 28.70 -27.93
C LEU C 266 -2.55 28.53 -29.45
N PRO C 267 -3.51 28.82 -30.36
CA PRO C 267 -3.34 28.34 -31.72
C PRO C 267 -2.22 29.02 -32.51
N ILE C 268 -1.56 28.21 -33.34
CA ILE C 268 -0.52 28.69 -34.28
C ILE C 268 -0.90 28.01 -35.59
N GLU C 269 -1.17 28.81 -36.64
N GLU C 269 -1.15 28.82 -36.63
CA GLU C 269 -1.68 28.27 -37.89
CA GLU C 269 -1.58 28.29 -37.91
C GLU C 269 -0.63 27.28 -38.43
C GLU C 269 -0.58 27.26 -38.43
N ASN C 270 -1.14 26.15 -38.93
CA ASN C 270 -0.31 25.01 -39.49
C ASN C 270 0.57 24.36 -38.42
N VAL C 271 0.23 24.52 -37.15
CA VAL C 271 1.00 23.84 -36.05
C VAL C 271 -0.05 23.24 -35.08
N ILE C 272 -0.82 24.10 -34.38
CA ILE C 272 -1.70 23.67 -33.30
C ILE C 272 -3.04 24.43 -33.40
N TYR C 273 -4.10 23.67 -33.36
CA TYR C 273 -5.49 24.21 -33.40
C TYR C 273 -6.21 23.84 -32.17
N THR C 274 -6.77 24.80 -31.49
CA THR C 274 -7.55 24.55 -30.26
C THR C 274 -8.82 25.43 -30.39
N TYR C 275 -9.92 24.75 -30.13
CA TYR C 275 -11.28 25.41 -30.13
C TYR C 275 -11.89 25.17 -28.81
N VAL C 276 -12.65 26.18 -28.36
CA VAL C 276 -13.34 26.10 -27.08
C VAL C 276 -14.79 26.45 -27.24
N ASN C 277 -15.62 25.97 -26.31
CA ASN C 277 -17.01 26.42 -26.19
C ASN C 277 -17.16 27.10 -24.86
N GLU C 278 -17.40 28.42 -24.87
CA GLU C 278 -17.58 29.20 -23.64
C GLU C 278 -19.06 29.42 -23.41
N GLU C 279 -19.54 29.09 -22.21
CA GLU C 279 -20.99 29.13 -21.92
CA GLU C 279 -20.99 29.18 -21.95
C GLU C 279 -21.11 29.80 -20.58
N ASN C 280 -21.82 30.95 -20.50
CA ASN C 280 -21.96 31.63 -19.20
C ASN C 280 -20.61 31.91 -18.48
N GLY C 281 -19.59 32.43 -19.17
CA GLY C 281 -18.26 32.74 -18.57
C GLY C 281 -17.22 31.60 -18.41
N LYS C 282 -17.68 30.36 -18.62
CA LYS C 282 -16.89 29.15 -18.34
C LYS C 282 -16.56 28.39 -19.61
N ILE C 283 -15.34 27.84 -19.66
CA ILE C 283 -14.95 26.94 -20.76
C ILE C 283 -15.51 25.53 -20.47
N LYS C 284 -16.45 25.04 -21.28
CA LYS C 284 -17.15 23.80 -20.98
C LYS C 284 -16.75 22.64 -21.91
N ASP C 285 -16.18 23.00 -23.08
CA ASP C 285 -15.72 21.95 -24.02
C ASP C 285 -14.55 22.45 -24.78
N MET C 286 -13.67 21.50 -25.24
CA MET C 286 -12.49 21.86 -26.01
C MET C 286 -12.18 20.79 -27.03
N ILE C 287 -11.66 21.23 -28.17
CA ILE C 287 -11.15 20.38 -29.19
C ILE C 287 -9.74 20.82 -29.48
N SER C 288 -8.79 19.88 -29.69
CA SER C 288 -7.53 20.32 -30.27
C SER C 288 -6.89 19.25 -31.11
N PHE C 289 -6.10 19.73 -32.07
CA PHE C 289 -5.33 18.81 -32.97
C PHE C 289 -4.17 19.54 -33.55
N TYR C 290 -3.13 18.77 -33.81
CA TYR C 290 -1.91 19.36 -34.35
C TYR C 290 -1.71 18.95 -35.82
N SER C 291 -0.88 19.76 -36.53
CA SER C 291 -0.67 19.58 -37.97
C SER C 291 0.67 18.82 -38.18
N LEU C 292 0.59 17.68 -38.83
CA LEU C 292 1.85 16.92 -39.13
C LEU C 292 1.70 16.35 -40.60
N PRO C 293 2.23 17.10 -41.56
CA PRO C 293 2.23 16.63 -42.96
C PRO C 293 3.16 15.41 -43.09
N SER C 294 2.90 14.61 -44.10
CA SER C 294 3.88 13.60 -44.59
C SER C 294 4.24 13.91 -46.03
N GLN C 295 5.53 13.78 -46.37
CA GLN C 295 5.94 13.78 -47.75
C GLN C 295 5.44 12.47 -48.42
N ILE C 296 4.89 12.60 -49.66
CA ILE C 296 4.42 11.43 -50.35
C ILE C 296 5.59 10.97 -51.26
N LEU C 297 6.09 9.77 -51.01
CA LEU C 297 7.44 9.43 -51.62
C LEU C 297 7.16 8.90 -53.01
N GLY C 298 7.94 9.40 -53.95
CA GLY C 298 7.88 8.94 -55.36
C GLY C 298 6.49 8.73 -55.95
N ASN C 299 5.58 9.66 -55.62
CA ASN C 299 4.33 9.81 -56.32
C ASN C 299 4.51 11.19 -56.91
N ASP C 300 4.27 11.35 -58.22
CA ASP C 300 4.67 12.57 -58.85
CA ASP C 300 4.62 12.56 -59.03
C ASP C 300 3.50 13.58 -58.89
N LYS C 301 2.27 13.08 -58.82
CA LYS C 301 1.06 13.96 -58.72
C LYS C 301 0.84 14.76 -57.39
N TYR C 302 1.15 14.13 -56.24
CA TYR C 302 0.92 14.80 -54.93
C TYR C 302 2.21 14.95 -54.11
N SER C 303 2.42 16.11 -53.52
CA SER C 303 3.67 16.42 -52.84
C SER C 303 3.58 16.04 -51.30
N THR C 304 2.50 16.49 -50.65
CA THR C 304 2.31 16.19 -49.26
C THR C 304 0.92 15.71 -48.91
N LEU C 305 0.83 14.85 -47.89
CA LEU C 305 -0.41 14.53 -47.22
C LEU C 305 -0.55 15.52 -46.04
N ASN C 306 -1.59 16.31 -46.03
CA ASN C 306 -1.74 17.35 -44.97
C ASN C 306 -2.64 16.71 -43.90
N ALA C 307 -2.09 16.33 -42.73
CA ALA C 307 -2.81 15.50 -41.80
C ALA C 307 -2.97 16.20 -40.46
N ALA C 308 -4.12 16.02 -39.80
CA ALA C 308 -4.34 16.55 -38.46
C ALA C 308 -4.32 15.35 -37.53
N TYR C 309 -3.71 15.54 -36.35
CA TYR C 309 -3.68 14.50 -35.35
C TYR C 309 -4.42 15.00 -34.08
N SER C 310 -5.35 14.20 -33.59
CA SER C 310 -6.11 14.52 -32.35
C SER C 310 -5.12 14.65 -31.16
N PHE C 311 -5.40 15.71 -30.37
CA PHE C 311 -4.48 16.03 -29.27
C PHE C 311 -5.28 15.86 -27.98
N TYR C 312 -5.95 16.93 -27.47
CA TYR C 312 -6.81 16.71 -26.30
C TYR C 312 -8.24 17.27 -26.54
N ASN C 313 -9.21 16.45 -26.23
CA ASN C 313 -10.64 16.80 -26.50
C ASN C 313 -11.46 16.49 -25.27
N VAL C 314 -12.22 17.47 -24.77
CA VAL C 314 -13.03 17.26 -23.54
C VAL C 314 -14.44 17.86 -23.77
N THR C 315 -15.50 17.10 -23.39
CA THR C 315 -16.86 17.71 -23.48
C THR C 315 -17.57 17.45 -22.17
N THR C 316 -18.23 18.54 -21.80
CA THR C 316 -19.18 18.46 -20.65
C THR C 316 -20.57 18.91 -21.07
N THR C 317 -20.75 19.40 -22.28
CA THR C 317 -22.11 19.78 -22.76
C THR C 317 -22.69 18.93 -23.87
N ALA C 318 -21.97 17.94 -24.40
CA ALA C 318 -22.36 17.21 -25.54
C ALA C 318 -21.84 15.77 -25.34
N THR C 319 -22.15 14.87 -26.25
CA THR C 319 -21.56 13.48 -26.17
C THR C 319 -20.18 13.54 -26.80
N PHE C 320 -19.35 12.61 -26.38
CA PHE C 320 -17.98 12.54 -27.02
C PHE C 320 -18.08 12.34 -28.51
N LYS C 321 -19.05 11.57 -29.01
CA LYS C 321 -19.26 11.37 -30.45
C LYS C 321 -19.54 12.73 -31.15
N GLN C 322 -20.39 13.54 -30.54
CA GLN C 322 -20.72 14.84 -31.15
C GLN C 322 -19.47 15.75 -31.20
N LEU C 323 -18.68 15.68 -30.12
CA LEU C 323 -17.48 16.53 -30.03
C LEU C 323 -16.51 16.07 -31.08
N MET C 324 -16.31 14.75 -31.24
CA MET C 324 -15.30 14.33 -32.20
C MET C 324 -15.80 14.52 -33.64
N GLN C 325 -17.10 14.50 -33.83
CA GLN C 325 -17.65 14.82 -35.15
C GLN C 325 -17.32 16.29 -35.46
N ASP C 326 -17.46 17.18 -34.45
CA ASP C 326 -17.00 18.57 -34.66
C ASP C 326 -15.52 18.72 -34.87
N ALA C 327 -14.70 17.87 -34.19
CA ALA C 327 -13.24 17.96 -34.52
C ALA C 327 -12.92 17.56 -35.94
N ILE C 328 -13.60 16.53 -36.46
CA ILE C 328 -13.35 16.16 -37.88
C ILE C 328 -13.79 17.32 -38.78
N LEU C 329 -14.93 17.94 -38.48
CA LEU C 329 -15.39 19.05 -39.33
CA LEU C 329 -15.39 19.05 -39.34
C LEU C 329 -14.41 20.22 -39.28
N LEU C 330 -13.91 20.56 -38.08
CA LEU C 330 -12.95 21.70 -37.98
C LEU C 330 -11.65 21.32 -38.71
N ALA C 331 -11.23 20.07 -38.66
CA ALA C 331 -10.06 19.69 -39.47
C ALA C 331 -10.38 19.85 -40.94
N LYS C 332 -11.58 19.44 -41.36
CA LYS C 332 -11.94 19.63 -42.82
C LYS C 332 -11.91 21.14 -43.21
N ARG C 333 -12.53 21.98 -42.38
CA ARG C 333 -12.59 23.44 -42.65
C ARG C 333 -11.18 24.05 -42.70
N ASN C 334 -10.19 23.42 -42.01
CA ASN C 334 -8.81 23.94 -42.04
C ASN C 334 -7.94 23.21 -43.02
N ASN C 335 -8.53 22.51 -44.00
CA ASN C 335 -7.88 22.12 -45.24
C ASN C 335 -7.07 20.82 -45.01
N PHE C 336 -7.35 20.11 -43.96
CA PHE C 336 -6.70 18.80 -43.76
C PHE C 336 -7.22 17.70 -44.60
N ASP C 337 -6.36 16.75 -45.03
CA ASP C 337 -6.82 15.64 -45.88
C ASP C 337 -7.32 14.44 -45.14
N VAL C 338 -6.87 14.28 -43.85
CA VAL C 338 -7.21 13.15 -43.04
C VAL C 338 -7.11 13.61 -41.54
N PHE C 339 -7.90 12.99 -40.68
CA PHE C 339 -7.88 13.22 -39.24
C PHE C 339 -7.52 11.91 -38.56
N ASN C 340 -6.38 11.96 -37.83
CA ASN C 340 -5.79 10.72 -37.21
C ASN C 340 -5.97 10.78 -35.74
N ALA C 341 -6.20 9.62 -35.08
CA ALA C 341 -6.26 9.61 -33.62
C ALA C 341 -5.79 8.27 -33.09
N LEU C 342 -5.43 8.22 -31.83
CA LEU C 342 -5.03 6.90 -31.21
C LEU C 342 -6.15 6.45 -30.32
N GLU C 343 -6.19 5.14 -29.98
CA GLU C 343 -7.16 4.58 -29.02
C GLU C 343 -6.84 4.90 -27.54
N VAL C 344 -6.55 6.17 -27.28
CA VAL C 344 -6.28 6.65 -25.90
C VAL C 344 -7.49 7.45 -25.40
N MET C 345 -7.51 7.71 -24.09
CA MET C 345 -8.62 8.47 -23.46
C MET C 345 -9.95 7.84 -23.87
N GLN C 346 -10.89 8.65 -24.35
CA GLN C 346 -12.27 8.15 -24.70
C GLN C 346 -12.40 7.90 -26.20
N ASN C 347 -11.29 7.95 -26.90
CA ASN C 347 -11.39 7.90 -28.37
C ASN C 347 -11.96 6.60 -28.94
N LYS C 348 -11.61 5.43 -28.39
CA LYS C 348 -12.01 4.23 -29.11
C LYS C 348 -13.54 4.13 -29.18
N SER C 349 -14.22 4.75 -28.22
CA SER C 349 -15.68 4.68 -28.20
C SER C 349 -16.33 5.33 -29.44
N VAL C 350 -15.66 6.20 -30.17
CA VAL C 350 -16.29 6.87 -31.32
C VAL C 350 -15.85 6.40 -32.66
N PHE C 351 -14.82 5.53 -32.71
CA PHE C 351 -14.23 5.25 -34.00
C PHE C 351 -15.16 4.58 -35.04
N GLU C 352 -15.95 3.62 -34.56
CA GLU C 352 -16.82 2.87 -35.48
CA GLU C 352 -16.84 2.86 -35.45
C GLU C 352 -17.93 3.82 -36.01
N ASP C 353 -18.61 4.51 -35.11
CA ASP C 353 -19.71 5.43 -35.47
C ASP C 353 -19.26 6.57 -36.37
N LEU C 354 -18.00 7.02 -36.18
CA LEU C 354 -17.49 8.13 -37.03
C LEU C 354 -16.63 7.73 -38.21
N LYS C 355 -16.72 6.47 -38.55
CA LYS C 355 -16.17 5.90 -39.78
C LYS C 355 -14.63 5.99 -39.86
N PHE C 356 -13.97 5.87 -38.73
CA PHE C 356 -12.49 5.72 -38.75
C PHE C 356 -12.12 4.32 -39.24
N GLY C 357 -11.04 4.23 -40.00
CA GLY C 357 -10.41 2.94 -40.27
C GLY C 357 -9.19 2.69 -39.37
N GLU C 358 -8.93 1.41 -39.02
CA GLU C 358 -7.79 1.02 -38.16
C GLU C 358 -6.57 1.02 -39.03
N GLY C 359 -5.43 1.60 -38.62
CA GLY C 359 -4.25 1.57 -39.43
C GLY C 359 -3.33 0.38 -39.09
N ASP C 360 -2.21 0.31 -39.78
CA ASP C 360 -1.22 -0.74 -39.59
C ASP C 360 -0.42 -0.50 -38.31
N GLY C 361 -0.03 -1.56 -37.65
CA GLY C 361 0.88 -1.44 -36.46
C GLY C 361 0.31 -0.71 -35.26
N SER C 362 1.13 -0.04 -34.41
CA SER C 362 0.48 0.68 -33.23
C SER C 362 1.63 1.53 -32.61
N LEU C 363 1.23 2.43 -31.73
CA LEU C 363 2.21 3.29 -31.03
C LEU C 363 2.41 2.74 -29.65
N LYS C 364 3.64 2.55 -29.29
CA LYS C 364 4.00 1.99 -27.96
C LYS C 364 4.45 3.12 -27.09
N TYR C 365 3.94 3.16 -25.84
CA TYR C 365 4.40 4.14 -24.85
C TYR C 365 5.41 3.52 -23.90
N TYR C 366 6.51 4.21 -23.61
CA TYR C 366 7.58 3.73 -22.71
C TYR C 366 7.94 4.72 -21.67
N LEU C 367 8.36 4.20 -20.53
CA LEU C 367 9.04 5.01 -19.50
C LEU C 367 10.47 4.51 -19.36
N TYR C 368 11.35 5.43 -19.02
CA TYR C 368 12.75 5.09 -18.66
C TYR C 368 12.95 5.22 -17.19
N ASN C 369 13.59 4.16 -16.62
CA ASN C 369 13.84 4.09 -15.18
C ASN C 369 12.56 4.17 -14.32
N TRP C 370 11.55 3.46 -14.78
CA TRP C 370 10.33 3.35 -13.95
C TRP C 370 9.71 1.99 -14.22
N LYS C 371 9.39 1.34 -13.10
CA LYS C 371 8.77 0.03 -13.02
CA LYS C 371 8.70 0.05 -13.20
C LYS C 371 7.28 0.14 -12.60
N CYS C 372 6.38 -0.36 -13.42
CA CYS C 372 4.96 -0.31 -13.06
C CYS C 372 4.22 -1.33 -13.94
N ALA C 373 3.00 -1.69 -13.53
CA ALA C 373 2.19 -2.55 -14.37
C ALA C 373 1.81 -1.89 -15.71
N SER C 374 1.79 -2.65 -16.79
CA SER C 374 1.28 -2.10 -18.06
C SER C 374 -0.23 -1.98 -17.97
N PHE C 375 -0.84 -1.25 -18.93
CA PHE C 375 -2.28 -0.99 -18.86
C PHE C 375 -2.83 -0.73 -20.25
N ALA C 376 -4.14 -0.89 -20.42
CA ALA C 376 -4.79 -0.70 -21.67
C ALA C 376 -4.82 0.76 -22.03
N PRO C 377 -4.82 1.06 -23.31
CA PRO C 377 -4.62 2.46 -23.74
C PRO C 377 -5.80 3.38 -23.40
N ALA C 378 -6.97 2.85 -23.04
CA ALA C 378 -8.04 3.78 -22.61
C ALA C 378 -7.58 4.47 -21.31
N HIS C 379 -6.57 3.92 -20.61
CA HIS C 379 -6.10 4.55 -19.39
C HIS C 379 -4.92 5.51 -19.64
N VAL C 380 -4.49 5.61 -20.91
CA VAL C 380 -3.47 6.64 -21.29
C VAL C 380 -4.14 7.99 -21.49
N GLY C 381 -3.56 9.00 -20.83
CA GLY C 381 -4.13 10.40 -20.90
C GLY C 381 -3.11 11.36 -21.46
N ILE C 382 -2.18 10.90 -22.29
CA ILE C 382 -1.16 11.80 -22.83
C ILE C 382 -0.97 11.45 -24.30
N VAL C 383 -0.81 12.49 -25.12
CA VAL C 383 -0.48 12.34 -26.54
C VAL C 383 0.84 13.11 -26.77
N LEU C 384 1.86 12.37 -27.24
CA LEU C 384 3.15 13.02 -27.49
C LEU C 384 3.13 13.40 -28.97
N LEU C 385 4.08 14.27 -29.34
CA LEU C 385 3.95 14.86 -30.73
C LEU C 385 4.61 13.94 -31.80
#